data_5MEG
#
_entry.id   5MEG
#
_cell.length_a   54.420
_cell.length_b   165.590
_cell.length_c   167.350
_cell.angle_alpha   90.000
_cell.angle_beta   90.000
_cell.angle_gamma   90.000
#
_symmetry.space_group_name_H-M   'P 21 21 21'
#
loop_
_entity.id
_entity.type
_entity.pdbx_description
1 polymer 'Arachidonate 15-lipoxygenase'
2 non-polymer 'MANGANESE (II) ION'
3 non-polymer 'CHLORIDE ION'
4 non-polymer ETHANOL
5 water water
#
_entity_poly.entity_id   1
_entity_poly.type   'polypeptide(L)'
_entity_poly.pdbx_seq_one_letter_code
;MVQPSLPQDDTPDQQEQRNRAIAQQREAYQYSETAGILLIKTLPQSEMFSLKYLIERDKGLVSLIANTLASNIENIFDPF
DKLEDFEEMFPLLPKPLVMNTFRNDRVFARQRIAGPNPMVIERVVDKLPDNFPVTDAMFQKIMFTKKTLAEAIAQGKLFI
TNYKGLAELSPGRYEYQKNGTLVQKTKTIAAPLVLYAWKPEGFGDYRGSLAPIAIQINQQPDPITNPIYTPRDGKHWFIA
KIFAQMADGNCHEAISHLARTHLILEPFVLATANELAPNHPLSVLLKPHFQFTLAINELAREQLISAGGYADDLLAGTLE
ASIAVIKAAIKEYMDNFTEFALPRELARRGVGIGDVDQRGENFLPDYPYRDDAMLLWNAIEVYVRDYLSLYYQSPVQIRQ
DTELQNWVRRLVSPEGGRVTGLVSNGELNTIEALVAIATQVIFVSGPQHAAVNYPQYDYMAFIPNMPLATYATPPNKESN
ISEATILNILPPQKLAARQLELMRTLCVFYPNRLGYPDTEFVDVRAQQVLHQFQERLQEIEQRIVLCNEKRLEPYTYLLP
SNVPNSTSI
;
_entity_poly.pdbx_strand_id   A,B
#
# COMPACT_ATOMS: atom_id res chain seq x y z
N MET A 1 23.01 0.54 20.87
CA MET A 1 24.41 0.91 20.82
C MET A 1 25.02 0.98 22.21
N VAL A 2 24.53 1.91 23.02
CA VAL A 2 24.96 2.02 24.41
C VAL A 2 24.47 0.80 25.18
N GLN A 3 25.29 0.33 26.12
CA GLN A 3 24.83 -0.69 27.05
C GLN A 3 23.64 -0.15 27.84
N PRO A 4 22.56 -0.92 27.99
CA PRO A 4 21.41 -0.42 28.76
C PRO A 4 21.78 -0.19 30.22
N SER A 5 21.26 0.91 30.78
CA SER A 5 21.56 1.27 32.16
C SER A 5 20.40 2.05 32.76
N LEU A 6 20.25 1.93 34.08
CA LEU A 6 19.28 2.73 34.80
C LEU A 6 19.77 4.18 34.87
N PRO A 7 18.86 5.16 34.80
CA PRO A 7 19.30 6.55 34.75
C PRO A 7 20.03 7.02 36.00
N GLN A 8 19.65 6.53 37.18
CA GLN A 8 20.33 6.94 38.40
C GLN A 8 21.74 6.37 38.51
N ASP A 9 22.10 5.42 37.66
CA ASP A 9 23.43 4.84 37.68
C ASP A 9 24.39 5.50 36.70
N ASP A 10 23.95 6.53 35.99
CA ASP A 10 24.78 7.18 34.98
C ASP A 10 25.47 8.41 35.56
N THR A 11 26.53 8.84 34.86
CA THR A 11 27.21 10.06 35.20
C THR A 11 26.36 11.28 34.85
N PRO A 12 26.67 12.46 35.39
CA PRO A 12 25.87 13.65 35.04
C PRO A 12 25.84 13.94 33.55
N ASP A 13 26.96 13.75 32.85
CA ASP A 13 26.97 13.96 31.40
C ASP A 13 26.05 12.97 30.68
N GLN A 14 26.15 11.69 31.06
CA GLN A 14 25.30 10.68 30.45
C GLN A 14 23.82 10.96 30.74
N GLN A 15 23.51 11.42 31.95
CA GLN A 15 22.14 11.79 32.28
C GLN A 15 21.68 12.97 31.44
N GLU A 16 22.55 13.96 31.22
CA GLU A 16 22.23 15.06 30.32
C GLU A 16 21.87 14.53 28.93
N GLN A 17 22.66 13.58 28.41
CA GLN A 17 22.36 13.04 27.09
C GLN A 17 21.04 12.28 27.08
N ARG A 18 20.75 11.54 28.14
CA ARG A 18 19.44 10.89 28.26
C ARG A 18 18.30 11.90 28.19
N ASN A 19 18.44 13.01 28.92
CA ASN A 19 17.37 14.01 28.93
C ASN A 19 17.23 14.70 27.59
N ARG A 20 18.34 14.91 26.86
CA ARG A 20 18.25 15.45 25.52
C ARG A 20 17.48 14.51 24.59
N ALA A 21 17.86 13.23 24.61
CA ALA A 21 17.15 12.25 23.78
C ALA A 21 15.66 12.21 24.13
N ILE A 22 15.33 12.24 25.41
CA ILE A 22 13.93 12.21 25.83
C ILE A 22 13.19 13.46 25.37
N ALA A 23 13.85 14.61 25.43
CA ALA A 23 13.21 15.84 24.97
C ALA A 23 12.91 15.79 23.48
N GLN A 24 13.88 15.32 22.67
CA GLN A 24 13.64 15.22 21.24
C GLN A 24 12.56 14.20 20.92
N GLN A 25 12.55 13.07 21.65
CA GLN A 25 11.50 12.08 21.47
C GLN A 25 10.13 12.65 21.83
N ARG A 26 10.06 13.45 22.89
CA ARG A 26 8.80 14.10 23.24
C ARG A 26 8.36 15.05 22.14
N GLU A 27 9.31 15.73 21.49
CA GLU A 27 8.95 16.57 20.36
C GLU A 27 8.42 15.75 19.19
N ALA A 28 8.99 14.57 18.96
CA ALA A 28 8.62 13.77 17.80
C ALA A 28 7.41 12.88 18.03
N TYR A 29 7.15 12.49 19.28
CA TYR A 29 6.02 11.61 19.62
C TYR A 29 5.01 12.39 20.45
N GLN A 30 4.25 13.28 19.81
CA GLN A 30 3.30 14.10 20.55
C GLN A 30 1.92 13.45 20.61
N TYR A 31 1.19 13.75 21.68
CA TYR A 31 -0.11 13.14 21.92
C TYR A 31 -1.21 13.88 21.17
N SER A 32 -2.20 13.12 20.70
CA SER A 32 -3.37 13.66 20.04
C SER A 32 -4.53 12.70 20.30
N GLU A 33 -5.70 13.05 19.76
CA GLU A 33 -6.87 12.19 19.95
C GLU A 33 -7.77 12.32 18.73
N THR A 34 -8.42 11.20 18.39
CA THR A 34 -9.48 11.18 17.38
C THR A 34 -10.71 10.59 18.03
N ALA A 35 -11.78 11.39 18.12
CA ALA A 35 -13.04 10.97 18.72
C ALA A 35 -12.83 10.41 20.13
N GLY A 36 -11.97 11.07 20.91
CA GLY A 36 -11.68 10.65 22.25
C GLY A 36 -10.71 9.49 22.38
N ILE A 37 -10.16 9.00 21.28
CA ILE A 37 -9.22 7.88 21.29
C ILE A 37 -7.80 8.44 21.19
N LEU A 38 -6.96 8.07 22.14
CA LEU A 38 -5.60 8.59 22.19
C LEU A 38 -4.75 7.99 21.07
N LEU A 39 -4.14 8.86 20.28
CA LEU A 39 -3.29 8.47 19.16
C LEU A 39 -2.13 9.45 19.07
N ILE A 40 -1.28 9.28 18.06
CA ILE A 40 -0.10 10.13 17.90
C ILE A 40 -0.45 11.32 17.02
N LYS A 41 0.16 12.46 17.29
CA LYS A 41 -0.12 13.67 16.53
C LYS A 41 0.42 13.56 15.11
N THR A 42 1.71 13.21 14.98
CA THR A 42 2.29 12.98 13.66
C THR A 42 3.33 11.87 13.78
N LEU A 43 3.25 10.90 12.87
CA LEU A 43 4.10 9.73 12.93
C LEU A 43 5.53 10.06 12.52
N PRO A 44 6.53 9.76 13.35
CA PRO A 44 7.92 9.91 12.91
C PRO A 44 8.23 8.95 11.77
N GLN A 45 9.09 9.39 10.86
CA GLN A 45 9.46 8.55 9.73
C GLN A 45 10.11 7.25 10.18
N SER A 46 10.84 7.29 11.30
CA SER A 46 11.43 6.07 11.85
C SER A 46 10.38 5.06 12.29
N GLU A 47 9.16 5.52 12.55
CA GLU A 47 8.06 4.64 12.96
C GLU A 47 7.18 4.21 11.79
N MET A 48 7.49 4.65 10.57
CA MET A 48 6.71 4.25 9.41
C MET A 48 6.92 2.76 9.10
N PHE A 49 6.02 2.22 8.28
CA PHE A 49 6.21 0.88 7.77
C PHE A 49 7.51 0.81 6.97
N SER A 50 8.11 -0.38 6.93
CA SER A 50 9.31 -0.60 6.15
C SER A 50 8.96 -0.83 4.70
N LEU A 51 9.99 -0.84 3.84
CA LEU A 51 9.78 -1.12 2.43
C LEU A 51 9.27 -2.54 2.23
N LYS A 52 9.83 -3.52 2.95
CA LYS A 52 9.35 -4.90 2.83
C LYS A 52 7.89 -5.01 3.24
N TYR A 53 7.52 -4.36 4.35
CA TYR A 53 6.12 -4.33 4.76
C TYR A 53 5.23 -3.81 3.63
N LEU A 54 5.60 -2.67 3.05
CA LEU A 54 4.78 -2.07 2.00
C LEU A 54 4.68 -3.00 0.80
N ILE A 55 5.77 -3.69 0.46
CA ILE A 55 5.73 -4.63 -0.66
C ILE A 55 4.73 -5.74 -0.38
N GLU A 56 4.72 -6.27 0.85
CA GLU A 56 3.78 -7.35 1.18
C GLU A 56 2.34 -6.84 1.14
N ARG A 57 2.07 -5.70 1.77
CA ARG A 57 0.72 -5.14 1.79
C ARG A 57 0.23 -4.86 0.36
N ASP A 58 1.10 -4.32 -0.48
CA ASP A 58 0.74 -4.07 -1.87
C ASP A 58 0.43 -5.37 -2.60
N LYS A 59 1.21 -6.42 -2.34
CA LYS A 59 0.88 -7.74 -2.89
C LYS A 59 -0.53 -8.14 -2.49
N GLY A 60 -0.89 -7.92 -1.22
CA GLY A 60 -2.25 -8.22 -0.79
C GLY A 60 -3.30 -7.47 -1.59
N LEU A 61 -3.15 -6.16 -1.71
CA LEU A 61 -4.15 -5.35 -2.40
C LEU A 61 -4.26 -5.71 -3.87
N VAL A 62 -3.12 -5.90 -4.55
CA VAL A 62 -3.16 -6.29 -5.95
C VAL A 62 -3.83 -7.64 -6.12
N SER A 63 -3.52 -8.58 -5.22
N SER A 63 -3.54 -8.58 -5.21
CA SER A 63 -4.22 -9.87 -5.24
CA SER A 63 -4.22 -9.86 -5.26
C SER A 63 -5.73 -9.70 -5.09
C SER A 63 -5.73 -9.70 -5.09
N LEU A 64 -6.16 -8.69 -4.31
CA LEU A 64 -7.59 -8.41 -4.22
C LEU A 64 -8.12 -7.87 -5.54
N ILE A 65 -7.32 -7.06 -6.25
CA ILE A 65 -7.74 -6.60 -7.57
C ILE A 65 -7.96 -7.79 -8.50
N ALA A 66 -7.01 -8.74 -8.50
CA ALA A 66 -7.11 -9.90 -9.38
C ALA A 66 -8.29 -10.78 -9.01
N ASN A 67 -8.47 -11.05 -7.71
CA ASN A 67 -9.60 -11.87 -7.28
C ASN A 67 -10.92 -11.21 -7.65
N THR A 68 -10.99 -9.89 -7.50
CA THR A 68 -12.20 -9.17 -7.91
C THR A 68 -12.41 -9.28 -9.42
N LEU A 69 -11.33 -9.27 -10.20
CA LEU A 69 -11.43 -9.42 -11.64
C LEU A 69 -11.98 -10.79 -12.00
N ALA A 70 -11.59 -11.82 -11.24
CA ALA A 70 -12.05 -13.18 -11.53
C ALA A 70 -13.41 -13.50 -10.95
N SER A 71 -13.96 -12.64 -10.08
CA SER A 71 -15.23 -12.90 -9.43
C SER A 71 -16.40 -12.36 -10.26
N ASN A 72 -17.59 -12.85 -9.94
CA ASN A 72 -18.82 -12.40 -10.58
C ASN A 72 -19.65 -11.49 -9.68
N ILE A 73 -19.11 -11.10 -8.53
CA ILE A 73 -19.83 -10.20 -7.63
C ILE A 73 -19.87 -8.80 -8.25
N GLU A 74 -20.94 -8.07 -7.97
CA GLU A 74 -21.19 -6.77 -8.59
C GLU A 74 -21.15 -5.65 -7.56
N ASN A 75 -20.98 -4.43 -8.06
CA ASN A 75 -20.92 -3.22 -7.23
C ASN A 75 -22.33 -2.65 -7.03
N ILE A 76 -23.17 -3.44 -6.34
CA ILE A 76 -24.56 -3.09 -6.12
C ILE A 76 -24.95 -3.41 -4.68
N PHE A 77 -26.00 -2.73 -4.20
CA PHE A 77 -26.57 -2.99 -2.89
C PHE A 77 -27.72 -3.99 -2.95
N ASP A 78 -27.81 -4.76 -4.02
CA ASP A 78 -28.74 -5.87 -4.08
C ASP A 78 -28.19 -7.06 -3.30
N PRO A 79 -29.06 -7.92 -2.78
CA PRO A 79 -28.59 -9.18 -2.21
C PRO A 79 -28.04 -10.09 -3.31
N PHE A 80 -27.31 -11.11 -2.89
CA PHE A 80 -26.87 -12.12 -3.83
C PHE A 80 -28.07 -12.88 -4.38
N ASP A 81 -27.91 -13.44 -5.58
CA ASP A 81 -29.00 -14.21 -6.17
C ASP A 81 -29.20 -15.53 -5.46
N LYS A 82 -28.10 -16.18 -5.06
CA LYS A 82 -28.15 -17.47 -4.39
C LYS A 82 -27.16 -17.49 -3.23
N LEU A 83 -27.49 -18.29 -2.21
CA LEU A 83 -26.56 -18.48 -1.11
C LEU A 83 -25.23 -19.03 -1.59
N GLU A 84 -25.27 -19.95 -2.57
CA GLU A 84 -24.05 -20.53 -3.10
C GLU A 84 -23.12 -19.48 -3.70
N ASP A 85 -23.64 -18.31 -4.09
CA ASP A 85 -22.78 -17.26 -4.61
C ASP A 85 -21.75 -16.83 -3.58
N PHE A 86 -22.07 -16.92 -2.29
CA PHE A 86 -21.08 -16.59 -1.27
C PHE A 86 -19.88 -17.52 -1.32
N GLU A 87 -20.04 -18.72 -1.84
CA GLU A 87 -18.92 -19.64 -2.00
C GLU A 87 -18.09 -19.37 -3.24
N GLU A 88 -18.51 -18.42 -4.08
CA GLU A 88 -17.82 -18.11 -5.33
C GLU A 88 -16.97 -16.85 -5.24
N MET A 89 -16.78 -16.31 -4.03
CA MET A 89 -16.06 -15.05 -3.87
C MET A 89 -14.55 -15.22 -3.80
N PHE A 90 -14.04 -16.46 -3.91
CA PHE A 90 -12.61 -16.72 -3.72
C PHE A 90 -11.99 -17.48 -4.90
N PRO A 91 -12.18 -17.00 -6.14
CA PRO A 91 -11.55 -17.72 -7.27
C PRO A 91 -10.03 -17.69 -7.25
N LEU A 92 -9.42 -16.61 -6.72
CA LEU A 92 -7.96 -16.48 -6.66
C LEU A 92 -7.49 -16.21 -5.24
N LEU A 93 -8.19 -16.75 -4.24
CA LEU A 93 -7.85 -16.58 -2.85
C LEU A 93 -8.05 -17.91 -2.14
N PRO A 94 -7.40 -18.10 -0.99
CA PRO A 94 -7.67 -19.31 -0.21
C PRO A 94 -9.13 -19.39 0.20
N LYS A 95 -9.64 -20.60 0.25
CA LYS A 95 -11.01 -20.79 0.74
C LYS A 95 -11.02 -20.68 2.26
N PRO A 96 -11.89 -19.84 2.83
CA PRO A 96 -11.96 -19.74 4.30
C PRO A 96 -12.28 -21.10 4.92
N LEU A 97 -11.59 -21.43 6.00
CA LEU A 97 -11.66 -22.78 6.55
C LEU A 97 -13.05 -23.13 7.06
N VAL A 98 -13.83 -22.13 7.49
CA VAL A 98 -15.17 -22.42 8.02
C VAL A 98 -16.20 -22.66 6.95
N MET A 99 -15.89 -22.36 5.68
CA MET A 99 -16.92 -22.26 4.65
C MET A 99 -17.73 -23.53 4.52
N ASN A 100 -17.08 -24.69 4.47
CA ASN A 100 -17.79 -25.91 4.14
C ASN A 100 -18.68 -26.40 5.28
N THR A 101 -18.36 -26.07 6.53
CA THR A 101 -19.05 -26.64 7.68
C THR A 101 -19.71 -25.61 8.57
N PHE A 102 -19.89 -24.37 8.10
CA PHE A 102 -20.37 -23.30 8.98
C PHE A 102 -21.79 -23.53 9.47
N ARG A 103 -22.57 -24.40 8.81
CA ARG A 103 -23.94 -24.66 9.26
C ARG A 103 -24.01 -25.57 10.48
N ASN A 104 -22.94 -26.29 10.79
CA ASN A 104 -23.00 -27.28 11.86
C ASN A 104 -23.00 -26.58 13.21
N ASP A 105 -23.87 -27.06 14.12
CA ASP A 105 -24.00 -26.43 15.43
C ASP A 105 -22.69 -26.47 16.21
N ARG A 106 -21.92 -27.55 16.06
CA ARG A 106 -20.64 -27.65 16.77
C ARG A 106 -19.61 -26.70 16.19
N VAL A 107 -19.66 -26.45 14.88
CA VAL A 107 -18.75 -25.48 14.29
C VAL A 107 -19.11 -24.06 14.73
N PHE A 108 -20.41 -23.77 14.81
CA PHE A 108 -20.86 -22.49 15.38
C PHE A 108 -20.37 -22.33 16.82
N ALA A 109 -20.53 -23.39 17.62
CA ALA A 109 -20.21 -23.28 19.05
C ALA A 109 -18.71 -23.18 19.27
N ARG A 110 -17.91 -23.94 18.52
CA ARG A 110 -16.48 -23.97 18.79
C ARG A 110 -15.77 -22.67 18.41
N GLN A 111 -16.44 -21.76 17.70
CA GLN A 111 -15.84 -20.46 17.47
C GLN A 111 -15.81 -19.62 18.75
N ARG A 112 -16.57 -20.00 19.77
CA ARG A 112 -16.48 -19.33 21.06
C ARG A 112 -15.16 -19.61 21.77
N ILE A 113 -14.48 -20.71 21.42
CA ILE A 113 -13.26 -21.12 22.10
C ILE A 113 -12.08 -21.23 21.15
N ALA A 114 -12.29 -21.15 19.83
CA ALA A 114 -11.19 -21.26 18.88
C ALA A 114 -11.39 -20.40 17.64
N GLY A 115 -12.42 -19.54 17.60
CA GLY A 115 -12.64 -18.67 16.48
C GLY A 115 -11.93 -17.34 16.63
N PRO A 116 -12.41 -16.31 15.91
CA PRO A 116 -11.75 -15.01 15.98
C PRO A 116 -11.90 -14.32 17.33
N ASN A 117 -12.96 -14.59 18.08
CA ASN A 117 -13.26 -13.88 19.32
C ASN A 117 -13.47 -14.88 20.45
N PRO A 118 -12.40 -15.52 20.92
CA PRO A 118 -12.56 -16.52 22.00
C PRO A 118 -12.58 -15.88 23.38
N MET A 119 -13.28 -14.75 23.50
CA MET A 119 -13.16 -13.89 24.66
C MET A 119 -14.48 -13.58 25.35
N VAL A 120 -15.60 -14.15 24.89
CA VAL A 120 -16.91 -13.76 25.36
C VAL A 120 -17.52 -14.82 26.28
N ILE A 121 -17.29 -16.10 25.98
CA ILE A 121 -18.00 -17.17 26.68
C ILE A 121 -17.61 -17.20 28.15
N GLU A 122 -18.60 -17.38 29.01
CA GLU A 122 -18.38 -17.45 30.45
C GLU A 122 -19.25 -18.55 31.04
N ARG A 123 -18.78 -19.15 32.14
CA ARG A 123 -19.51 -20.23 32.77
C ARG A 123 -20.70 -19.68 33.56
N VAL A 124 -21.87 -20.31 33.41
CA VAL A 124 -23.06 -19.82 34.09
C VAL A 124 -22.98 -20.19 35.57
N VAL A 125 -23.26 -19.21 36.43
CA VAL A 125 -23.16 -19.40 37.88
C VAL A 125 -24.51 -19.01 38.49
N ASP A 126 -25.01 -19.88 39.40
CA ASP A 126 -26.25 -19.66 40.14
C ASP A 126 -27.48 -19.74 39.26
N LYS A 127 -27.58 -18.88 38.26
CA LYS A 127 -28.76 -18.89 37.39
C LYS A 127 -28.47 -18.12 36.11
N LEU A 128 -29.33 -18.34 35.12
CA LEU A 128 -29.31 -17.55 33.90
C LEU A 128 -29.86 -16.15 34.17
N PRO A 129 -29.53 -15.17 33.33
CA PRO A 129 -30.14 -13.85 33.45
C PRO A 129 -31.66 -13.95 33.42
N ASP A 130 -32.31 -13.11 34.23
CA ASP A 130 -33.77 -13.14 34.31
C ASP A 130 -34.43 -12.76 33.00
N ASN A 131 -33.75 -11.97 32.17
CA ASN A 131 -34.26 -11.59 30.85
C ASN A 131 -34.00 -12.66 29.79
N PHE A 132 -33.53 -13.84 30.19
CA PHE A 132 -33.24 -14.94 29.29
C PHE A 132 -33.99 -16.17 29.79
N PRO A 133 -35.32 -16.21 29.61
CA PRO A 133 -36.15 -17.21 30.30
C PRO A 133 -36.13 -18.59 29.62
N VAL A 134 -34.94 -19.19 29.57
CA VAL A 134 -34.84 -20.59 29.16
C VAL A 134 -35.51 -21.45 30.21
N THR A 135 -36.30 -22.43 29.75
CA THR A 135 -37.04 -23.31 30.66
C THR A 135 -36.39 -24.67 30.74
N ASP A 136 -36.79 -25.44 31.77
CA ASP A 136 -36.36 -26.82 31.86
C ASP A 136 -36.83 -27.64 30.67
N ALA A 137 -38.01 -27.31 30.13
CA ALA A 137 -38.53 -28.07 28.98
C ALA A 137 -37.66 -27.86 27.75
N MET A 138 -37.19 -26.64 27.51
CA MET A 138 -36.29 -26.39 26.39
C MET A 138 -34.99 -27.16 26.56
N PHE A 139 -34.35 -27.03 27.71
CA PHE A 139 -33.07 -27.69 27.96
C PHE A 139 -33.21 -29.20 27.81
N GLN A 140 -34.30 -29.77 28.33
CA GLN A 140 -34.49 -31.22 28.25
C GLN A 140 -34.80 -31.65 26.82
N LYS A 141 -35.55 -30.82 26.08
CA LYS A 141 -35.86 -31.14 24.69
C LYS A 141 -34.60 -31.16 23.83
N ILE A 142 -33.69 -30.20 24.06
CA ILE A 142 -32.52 -30.07 23.21
C ILE A 142 -31.44 -31.06 23.64
N MET A 143 -31.25 -31.23 24.95
CA MET A 143 -30.22 -32.13 25.44
C MET A 143 -30.64 -33.60 25.48
N PHE A 144 -31.93 -33.88 25.28
CA PHE A 144 -32.46 -35.23 25.35
C PHE A 144 -32.12 -35.88 26.69
N THR A 145 -32.53 -35.20 27.76
CA THR A 145 -32.17 -35.60 29.11
C THR A 145 -33.30 -35.27 30.08
N LYS A 146 -33.25 -35.89 31.25
CA LYS A 146 -34.13 -35.53 32.35
C LYS A 146 -33.55 -34.44 33.24
N LYS A 147 -32.27 -34.10 33.06
CA LYS A 147 -31.62 -33.12 33.91
C LYS A 147 -32.28 -31.74 33.78
N THR A 148 -32.31 -31.01 34.88
CA THR A 148 -32.89 -29.67 34.89
C THR A 148 -31.79 -28.64 34.64
N LEU A 149 -32.22 -27.40 34.36
CA LEU A 149 -31.27 -26.30 34.21
C LEU A 149 -30.46 -26.11 35.49
N ALA A 150 -31.14 -26.13 36.64
CA ALA A 150 -30.46 -25.92 37.92
C ALA A 150 -29.40 -26.98 38.16
N GLU A 151 -29.71 -28.24 37.83
CA GLU A 151 -28.75 -29.31 38.03
C GLU A 151 -27.54 -29.14 37.11
N ALA A 152 -27.78 -28.76 35.85
CA ALA A 152 -26.67 -28.54 34.94
C ALA A 152 -25.80 -27.38 35.39
N ILE A 153 -26.43 -26.30 35.88
CA ILE A 153 -25.66 -25.17 36.39
C ILE A 153 -24.83 -25.57 37.59
N ALA A 154 -25.42 -26.37 38.49
CA ALA A 154 -24.69 -26.80 39.67
C ALA A 154 -23.50 -27.68 39.31
N GLN A 155 -23.56 -28.37 38.19
CA GLN A 155 -22.44 -29.17 37.70
C GLN A 155 -21.48 -28.36 36.83
N GLY A 156 -21.71 -27.06 36.66
CA GLY A 156 -20.87 -26.26 35.79
C GLY A 156 -20.94 -26.66 34.33
N LYS A 157 -22.09 -27.11 33.86
CA LYS A 157 -22.22 -27.60 32.49
C LYS A 157 -22.65 -26.52 31.51
N LEU A 158 -23.15 -25.39 31.99
CA LEU A 158 -23.75 -24.37 31.14
C LEU A 158 -22.84 -23.17 31.01
N PHE A 159 -22.74 -22.65 29.78
CA PHE A 159 -21.97 -21.46 29.47
C PHE A 159 -22.86 -20.53 28.66
N ILE A 160 -22.51 -19.26 28.64
CA ILE A 160 -23.36 -18.26 28.01
C ILE A 160 -22.50 -17.20 27.33
N THR A 161 -22.96 -16.69 26.20
CA THR A 161 -22.44 -15.46 25.61
C THR A 161 -23.56 -14.42 25.65
N ASN A 162 -23.36 -13.37 26.43
CA ASN A 162 -24.36 -12.31 26.59
C ASN A 162 -23.81 -11.06 25.91
N TYR A 163 -24.39 -10.71 24.76
CA TYR A 163 -23.95 -9.57 23.98
C TYR A 163 -24.69 -8.28 24.34
N LYS A 164 -25.06 -8.10 25.61
CA LYS A 164 -25.73 -6.89 26.04
C LYS A 164 -24.91 -5.63 25.79
N GLY A 165 -23.59 -5.75 25.62
CA GLY A 165 -22.77 -4.59 25.32
C GLY A 165 -23.18 -3.87 24.04
N LEU A 166 -23.90 -4.55 23.16
CA LEU A 166 -24.37 -3.97 21.91
C LEU A 166 -25.79 -3.45 21.99
N ALA A 167 -26.41 -3.48 23.18
CA ALA A 167 -27.84 -3.24 23.27
C ALA A 167 -28.22 -1.79 22.95
N GLU A 168 -27.30 -0.85 23.14
N GLU A 168 -27.30 -0.85 23.14
CA GLU A 168 -27.58 0.57 22.91
CA GLU A 168 -27.56 0.56 22.92
C GLU A 168 -27.06 1.07 21.58
C GLU A 168 -27.05 1.07 21.58
N LEU A 169 -26.71 0.17 20.66
CA LEU A 169 -26.21 0.58 19.35
C LEU A 169 -27.29 1.28 18.54
N SER A 170 -26.95 2.45 18.01
CA SER A 170 -27.78 3.07 16.98
C SER A 170 -27.50 2.38 15.66
N PRO A 171 -28.51 1.82 14.99
CA PRO A 171 -28.25 1.04 13.77
C PRO A 171 -27.66 1.92 12.68
N GLY A 172 -26.65 1.38 12.00
CA GLY A 172 -26.04 2.11 10.90
C GLY A 172 -27.01 2.31 9.74
N ARG A 173 -26.77 3.36 8.98
CA ARG A 173 -27.59 3.72 7.83
C ARG A 173 -26.76 3.61 6.56
N TYR A 174 -27.40 3.27 5.46
CA TYR A 174 -26.73 3.28 4.16
C TYR A 174 -27.75 3.71 3.10
N GLU A 175 -27.21 4.15 1.95
CA GLU A 175 -28.05 4.69 0.90
C GLU A 175 -27.35 4.50 -0.44
N TYR A 176 -28.12 4.55 -1.51
CA TYR A 176 -27.57 4.33 -2.85
C TYR A 176 -28.59 4.78 -3.88
N GLN A 177 -28.13 4.93 -5.12
CA GLN A 177 -28.96 5.36 -6.23
C GLN A 177 -29.47 4.15 -7.00
N LYS A 178 -30.78 4.04 -7.17
CA LYS A 178 -31.40 2.96 -7.93
C LYS A 178 -32.48 3.56 -8.82
N ASN A 179 -32.25 3.50 -10.14
CA ASN A 179 -33.17 4.05 -11.13
C ASN A 179 -33.32 5.57 -10.98
N GLY A 180 -32.21 6.24 -10.71
CA GLY A 180 -32.20 7.69 -10.64
C GLY A 180 -32.87 8.28 -9.41
N THR A 181 -33.01 7.51 -8.33
CA THR A 181 -33.56 8.02 -7.09
C THR A 181 -32.76 7.45 -5.92
N LEU A 182 -32.79 8.16 -4.80
CA LEU A 182 -32.02 7.76 -3.63
C LEU A 182 -32.85 6.81 -2.76
N VAL A 183 -32.29 5.64 -2.49
CA VAL A 183 -32.85 4.67 -1.57
C VAL A 183 -32.06 4.75 -0.27
N GLN A 184 -32.77 4.89 0.84
CA GLN A 184 -32.18 4.95 2.17
C GLN A 184 -32.67 3.77 3.00
N LYS A 185 -31.73 3.04 3.60
CA LYS A 185 -32.04 1.86 4.37
C LYS A 185 -31.23 1.84 5.66
N THR A 186 -31.66 1.00 6.59
CA THR A 186 -31.08 0.88 7.91
C THR A 186 -30.72 -0.57 8.17
N LYS A 187 -29.57 -0.79 8.79
CA LYS A 187 -29.20 -2.12 9.25
C LYS A 187 -30.04 -2.51 10.46
N THR A 188 -30.02 -3.80 10.79
CA THR A 188 -30.74 -4.33 11.93
C THR A 188 -29.75 -4.67 13.04
N ILE A 189 -30.02 -4.19 14.25
CA ILE A 189 -29.20 -4.41 15.43
C ILE A 189 -29.70 -5.62 16.18
N ALA A 190 -28.77 -6.35 16.81
CA ALA A 190 -29.11 -7.43 17.72
C ALA A 190 -28.12 -7.46 18.88
N ALA A 191 -28.61 -7.85 20.06
CA ALA A 191 -27.79 -8.04 21.25
C ALA A 191 -28.22 -9.37 21.87
N PRO A 192 -27.82 -10.48 21.26
CA PRO A 192 -28.37 -11.78 21.67
C PRO A 192 -27.79 -12.27 22.99
N LEU A 193 -28.51 -13.23 23.57
CA LEU A 193 -28.00 -14.11 24.59
C LEU A 193 -27.99 -15.52 24.01
N VAL A 194 -26.89 -16.25 24.22
CA VAL A 194 -26.74 -17.59 23.65
C VAL A 194 -26.33 -18.53 24.77
N LEU A 195 -27.11 -19.60 24.96
CA LEU A 195 -26.86 -20.62 25.97
C LEU A 195 -26.25 -21.85 25.31
N TYR A 196 -25.09 -22.26 25.83
CA TYR A 196 -24.36 -23.45 25.44
C TYR A 196 -24.30 -24.42 26.61
N ALA A 197 -24.14 -25.70 26.28
CA ALA A 197 -23.91 -26.75 27.26
C ALA A 197 -22.69 -27.56 26.84
N TRP A 198 -21.83 -27.88 27.81
CA TRP A 198 -20.73 -28.81 27.57
C TRP A 198 -21.28 -30.23 27.56
N LYS A 199 -21.08 -30.92 26.44
CA LYS A 199 -21.51 -32.32 26.30
C LYS A 199 -20.29 -33.22 26.42
N PRO A 200 -20.04 -33.83 27.58
CA PRO A 200 -18.85 -34.69 27.72
C PRO A 200 -18.88 -35.92 26.83
N GLU A 201 -20.04 -36.59 26.73
CA GLU A 201 -20.17 -37.73 25.84
C GLU A 201 -19.96 -37.32 24.39
N GLY A 202 -20.29 -36.08 24.04
CA GLY A 202 -20.09 -35.63 22.68
C GLY A 202 -21.04 -36.31 21.73
N PHE A 203 -20.48 -36.88 20.66
CA PHE A 203 -21.26 -37.52 19.59
C PHE A 203 -21.10 -39.04 19.60
N GLY A 204 -20.90 -39.63 20.77
CA GLY A 204 -20.61 -41.05 20.87
C GLY A 204 -19.14 -41.40 20.79
N ASP A 205 -18.31 -40.48 20.29
CA ASP A 205 -16.86 -40.64 20.34
C ASP A 205 -16.35 -40.24 21.72
N TYR A 206 -15.16 -40.74 22.07
CA TYR A 206 -14.56 -40.41 23.37
C TYR A 206 -13.94 -39.02 23.27
N ARG A 207 -14.83 -38.04 23.04
CA ARG A 207 -14.46 -36.63 22.97
C ARG A 207 -15.62 -35.83 23.54
N GLY A 208 -15.35 -34.55 23.82
CA GLY A 208 -16.38 -33.65 24.29
C GLY A 208 -16.38 -32.37 23.47
N SER A 209 -17.49 -31.66 23.52
CA SER A 209 -17.61 -30.42 22.76
C SER A 209 -18.74 -29.56 23.30
N LEU A 210 -18.58 -28.26 23.16
CA LEU A 210 -19.67 -27.32 23.42
C LEU A 210 -20.77 -27.52 22.39
N ALA A 211 -22.02 -27.42 22.83
CA ALA A 211 -23.14 -27.45 21.93
C ALA A 211 -24.08 -26.29 22.20
N PRO A 212 -24.59 -25.63 21.16
CA PRO A 212 -25.54 -24.54 21.39
C PRO A 212 -26.88 -25.08 21.83
N ILE A 213 -27.48 -24.40 22.81
CA ILE A 213 -28.77 -24.78 23.36
C ILE A 213 -29.86 -23.79 22.96
N ALA A 214 -29.62 -22.50 23.17
CA ALA A 214 -30.69 -21.55 22.90
C ALA A 214 -30.12 -20.20 22.48
N ILE A 215 -30.90 -19.46 21.69
CA ILE A 215 -30.54 -18.13 21.25
C ILE A 215 -31.75 -17.22 21.40
N GLN A 216 -31.59 -16.14 22.15
CA GLN A 216 -32.56 -15.04 22.18
C GLN A 216 -31.90 -13.86 21.50
N ILE A 217 -32.47 -13.43 20.37
CA ILE A 217 -31.76 -12.50 19.49
C ILE A 217 -31.60 -11.13 20.14
N ASN A 218 -32.54 -10.72 20.99
CA ASN A 218 -32.44 -9.43 21.66
C ASN A 218 -32.62 -9.59 23.16
N GLN A 219 -32.36 -8.49 23.89
CA GLN A 219 -32.14 -8.57 25.34
C GLN A 219 -33.44 -8.70 26.12
N GLN A 220 -34.50 -8.01 25.71
CA GLN A 220 -35.73 -8.02 26.48
C GLN A 220 -36.69 -9.05 25.92
N PRO A 221 -37.01 -10.11 26.67
CA PRO A 221 -37.74 -11.24 26.08
C PRO A 221 -39.19 -10.90 25.77
N ASP A 222 -39.73 -11.62 24.78
CA ASP A 222 -41.14 -11.54 24.41
C ASP A 222 -41.49 -12.78 23.61
N PRO A 223 -42.59 -13.47 23.94
CA PRO A 223 -42.91 -14.73 23.24
C PRO A 223 -43.17 -14.57 21.76
N ILE A 224 -43.48 -13.36 21.30
CA ILE A 224 -43.85 -13.12 19.91
C ILE A 224 -42.75 -12.39 19.14
N THR A 225 -42.27 -11.27 19.69
CA THR A 225 -41.35 -10.40 18.96
C THR A 225 -39.89 -10.69 19.26
N ASN A 226 -39.58 -11.45 20.33
CA ASN A 226 -38.21 -11.79 20.67
C ASN A 226 -38.20 -13.12 21.42
N PRO A 227 -38.54 -14.21 20.72
CA PRO A 227 -38.65 -15.50 21.40
C PRO A 227 -37.29 -16.18 21.53
N ILE A 228 -37.30 -17.27 22.28
CA ILE A 228 -36.12 -18.12 22.43
C ILE A 228 -36.15 -19.20 21.35
N TYR A 229 -35.14 -19.19 20.48
CA TYR A 229 -34.99 -20.20 19.45
C TYR A 229 -34.05 -21.30 19.91
N THR A 230 -34.33 -22.53 19.46
CA THR A 230 -33.56 -23.71 19.79
C THR A 230 -33.24 -24.45 18.50
N PRO A 231 -32.30 -25.41 18.54
CA PRO A 231 -32.04 -26.21 17.34
C PRO A 231 -33.27 -26.93 16.76
N ARG A 232 -34.37 -27.02 17.52
CA ARG A 232 -35.58 -27.64 16.99
C ARG A 232 -36.32 -26.74 16.01
N ASP A 233 -35.90 -25.48 15.85
CA ASP A 233 -36.66 -24.50 15.09
C ASP A 233 -36.20 -24.36 13.64
N GLY A 234 -35.41 -25.32 13.14
CA GLY A 234 -35.15 -25.39 11.71
C GLY A 234 -34.45 -24.15 11.18
N LYS A 235 -35.03 -23.58 10.12
CA LYS A 235 -34.43 -22.41 9.47
C LYS A 235 -34.37 -21.21 10.41
N HIS A 236 -35.35 -21.07 11.30
CA HIS A 236 -35.32 -19.99 12.28
C HIS A 236 -34.11 -20.09 13.20
N TRP A 237 -33.72 -21.32 13.54
CA TRP A 237 -32.51 -21.51 14.35
C TRP A 237 -31.27 -21.09 13.58
N PHE A 238 -31.22 -21.41 12.28
CA PHE A 238 -30.10 -20.97 11.44
C PHE A 238 -30.00 -19.46 11.41
N ILE A 239 -31.14 -18.78 11.25
CA ILE A 239 -31.15 -17.32 11.25
C ILE A 239 -30.69 -16.77 12.60
N ALA A 240 -31.21 -17.35 13.69
CA ALA A 240 -30.77 -16.93 15.02
C ALA A 240 -29.27 -17.03 15.15
N LYS A 241 -28.69 -18.12 14.63
CA LYS A 241 -27.24 -18.26 14.64
C LYS A 241 -26.57 -17.16 13.81
N ILE A 242 -27.17 -16.76 12.69
CA ILE A 242 -26.61 -15.67 11.91
C ILE A 242 -26.54 -14.39 12.74
N PHE A 243 -27.62 -14.07 13.47
CA PHE A 243 -27.61 -12.85 14.27
C PHE A 243 -26.62 -12.95 15.43
N ALA A 244 -26.52 -14.12 16.07
CA ALA A 244 -25.53 -14.30 17.13
C ALA A 244 -24.12 -14.12 16.60
N GLN A 245 -23.86 -14.62 15.38
CA GLN A 245 -22.53 -14.48 14.80
C GLN A 245 -22.24 -13.04 14.44
N MET A 246 -23.23 -12.30 13.95
CA MET A 246 -23.06 -10.89 13.68
C MET A 246 -22.68 -10.14 14.95
N ALA A 247 -23.40 -10.41 16.05
CA ALA A 247 -23.06 -9.79 17.32
C ALA A 247 -21.64 -10.13 17.74
N ASP A 248 -21.27 -11.42 17.63
CA ASP A 248 -19.92 -11.83 17.98
C ASP A 248 -18.87 -11.13 17.12
N GLY A 249 -19.18 -10.85 15.86
CA GLY A 249 -18.23 -10.16 15.00
C GLY A 249 -18.09 -8.69 15.36
N ASN A 250 -19.20 -8.04 15.72
CA ASN A 250 -19.11 -6.65 16.14
C ASN A 250 -18.34 -6.50 17.45
N CYS A 251 -18.63 -7.38 18.42
CA CYS A 251 -17.84 -7.36 19.64
C CYS A 251 -16.38 -7.70 19.35
N HIS A 252 -16.14 -8.58 18.38
CA HIS A 252 -14.77 -8.93 18.02
C HIS A 252 -14.01 -7.70 17.53
N GLU A 253 -14.55 -7.02 16.52
CA GLU A 253 -13.80 -5.94 15.90
C GLU A 253 -13.72 -4.72 16.81
N ALA A 254 -14.83 -4.36 17.45
CA ALA A 254 -14.85 -3.15 18.26
C ALA A 254 -14.11 -3.35 19.58
N ILE A 255 -14.39 -4.46 20.27
CA ILE A 255 -13.88 -4.67 21.61
C ILE A 255 -12.57 -5.46 21.60
N SER A 256 -12.62 -6.68 21.06
CA SER A 256 -11.50 -7.59 21.22
C SER A 256 -10.32 -7.22 20.32
N HIS A 257 -10.58 -6.71 19.12
CA HIS A 257 -9.51 -6.44 18.16
C HIS A 257 -9.03 -5.00 18.26
N LEU A 258 -9.85 -4.04 17.81
CA LEU A 258 -9.45 -2.63 17.78
C LEU A 258 -9.13 -2.11 19.18
N ALA A 259 -10.10 -2.20 20.10
CA ALA A 259 -9.93 -1.58 21.41
C ALA A 259 -8.82 -2.25 22.22
N ARG A 260 -8.91 -3.57 22.39
CA ARG A 260 -8.12 -4.24 23.40
C ARG A 260 -6.89 -4.94 22.84
N THR A 261 -6.50 -4.63 21.61
CA THR A 261 -5.12 -4.86 21.21
C THR A 261 -4.53 -3.56 20.68
N HIS A 262 -4.95 -3.17 19.47
CA HIS A 262 -4.40 -2.01 18.79
C HIS A 262 -4.38 -0.77 19.69
N LEU A 263 -5.55 -0.37 20.19
CA LEU A 263 -5.68 0.97 20.76
C LEU A 263 -5.20 1.07 22.21
N ILE A 264 -5.33 0.01 23.01
CA ILE A 264 -4.77 0.07 24.35
C ILE A 264 -3.25 0.01 24.34
N LEU A 265 -2.64 -0.42 23.22
CA LEU A 265 -1.19 -0.42 23.13
C LEU A 265 -0.61 0.97 22.86
N GLU A 266 -1.36 1.83 22.19
CA GLU A 266 -0.86 3.16 21.81
C GLU A 266 -0.29 3.95 23.00
N PRO A 267 -0.97 4.04 24.15
CA PRO A 267 -0.38 4.81 25.26
C PRO A 267 0.94 4.25 25.77
N PHE A 268 1.15 2.93 25.66
CA PHE A 268 2.42 2.36 26.11
C PHE A 268 3.55 2.71 25.15
N VAL A 269 3.30 2.64 23.84
CA VAL A 269 4.30 3.08 22.87
C VAL A 269 4.66 4.54 23.12
N LEU A 270 3.63 5.38 23.26
CA LEU A 270 3.85 6.81 23.41
C LEU A 270 4.55 7.14 24.73
N ALA A 271 4.21 6.44 25.81
CA ALA A 271 4.87 6.69 27.09
C ALA A 271 6.31 6.23 27.06
N THR A 272 6.57 5.09 26.41
CA THR A 272 7.95 4.64 26.23
C THR A 272 8.77 5.69 25.49
N ALA A 273 8.19 6.31 24.45
CA ALA A 273 8.90 7.34 23.73
C ALA A 273 9.06 8.61 24.57
N ASN A 274 8.05 8.96 25.36
CA ASN A 274 8.01 10.24 26.04
C ASN A 274 8.74 10.26 27.38
N GLU A 275 9.14 9.10 27.91
CA GLU A 275 9.74 9.07 29.25
C GLU A 275 10.99 8.22 29.36
N LEU A 276 11.26 7.30 28.44
CA LEU A 276 12.37 6.36 28.56
C LEU A 276 13.47 6.72 27.57
N ALA A 277 14.70 6.77 28.06
CA ALA A 277 15.85 7.01 27.21
C ALA A 277 16.02 5.86 26.22
N PRO A 278 16.69 6.09 25.10
CA PRO A 278 16.94 4.99 24.16
C PRO A 278 17.67 3.81 24.79
N ASN A 279 18.55 4.06 25.75
CA ASN A 279 19.32 3.01 26.42
C ASN A 279 18.66 2.51 27.70
N HIS A 280 17.41 2.88 27.96
CA HIS A 280 16.74 2.35 29.13
C HIS A 280 16.37 0.89 28.89
N PRO A 281 16.62 0.01 29.87
CA PRO A 281 16.34 -1.42 29.65
C PRO A 281 14.89 -1.73 29.33
N LEU A 282 13.95 -0.97 29.90
CA LEU A 282 12.54 -1.22 29.59
C LEU A 282 12.21 -0.83 28.16
N SER A 283 12.77 0.29 27.68
CA SER A 283 12.55 0.68 26.29
C SER A 283 13.15 -0.35 25.34
N VAL A 284 14.40 -0.76 25.60
CA VAL A 284 15.05 -1.78 24.81
C VAL A 284 14.25 -3.09 24.81
N LEU A 285 13.61 -3.40 25.93
CA LEU A 285 12.79 -4.61 26.00
C LEU A 285 11.51 -4.48 25.19
N LEU A 286 10.86 -3.32 25.26
CA LEU A 286 9.50 -3.18 24.75
C LEU A 286 9.43 -2.79 23.28
N LYS A 287 10.39 -1.99 22.79
CA LYS A 287 10.26 -1.44 21.44
C LYS A 287 10.14 -2.49 20.34
N PRO A 288 10.85 -3.63 20.37
CA PRO A 288 10.59 -4.63 19.32
C PRO A 288 9.14 -5.06 19.22
N HIS A 289 8.43 -5.09 20.35
CA HIS A 289 7.01 -5.45 20.36
C HIS A 289 6.09 -4.27 20.09
N PHE A 290 6.67 -3.12 19.69
CA PHE A 290 5.91 -1.97 19.24
C PHE A 290 6.16 -1.67 17.75
N GLN A 291 6.90 -2.53 17.05
CA GLN A 291 7.26 -2.25 15.67
C GLN A 291 6.02 -2.14 14.78
N PHE A 292 5.89 -1.03 14.08
CA PHE A 292 4.79 -0.70 13.18
C PHE A 292 3.46 -0.51 13.90
N THR A 293 3.45 -0.49 15.23
CA THR A 293 2.19 -0.39 15.97
C THR A 293 1.56 0.99 15.77
N LEU A 294 2.34 2.06 15.97
CA LEU A 294 1.83 3.40 15.73
C LEU A 294 1.36 3.55 14.29
N ALA A 295 2.11 2.97 13.34
CA ALA A 295 1.76 3.10 11.93
C ALA A 295 0.44 2.42 11.61
N ILE A 296 0.28 1.16 12.02
CA ILE A 296 -0.94 0.43 11.74
C ILE A 296 -2.12 1.06 12.47
N ASN A 297 -1.87 1.71 13.61
CA ASN A 297 -2.95 2.40 14.30
C ASN A 297 -3.33 3.70 13.58
N GLU A 298 -2.36 4.34 12.91
CA GLU A 298 -2.71 5.45 12.03
C GLU A 298 -3.53 4.98 10.84
N LEU A 299 -3.21 3.79 10.31
CA LEU A 299 -4.07 3.22 9.27
C LEU A 299 -5.44 2.86 9.80
N ALA A 300 -5.55 2.48 11.08
CA ALA A 300 -6.85 2.21 11.67
C ALA A 300 -7.66 3.49 11.78
N ARG A 301 -7.02 4.58 12.24
CA ARG A 301 -7.70 5.87 12.30
C ARG A 301 -8.14 6.32 10.92
N GLU A 302 -7.28 6.14 9.91
CA GLU A 302 -7.55 6.71 8.59
C GLU A 302 -8.56 5.88 7.79
N GLN A 303 -8.46 4.55 7.87
CA GLN A 303 -9.20 3.69 6.96
C GLN A 303 -10.24 2.81 7.65
N LEU A 304 -10.21 2.68 8.97
CA LEU A 304 -11.18 1.87 9.69
C LEU A 304 -12.23 2.73 10.40
N ILE A 305 -11.82 3.55 11.37
CA ILE A 305 -12.76 4.27 12.22
C ILE A 305 -13.02 5.67 11.70
N SER A 306 -12.72 5.90 10.44
CA SER A 306 -13.00 7.19 9.83
C SER A 306 -14.36 7.15 9.14
N ALA A 307 -14.90 8.34 8.87
CA ALA A 307 -16.15 8.44 8.14
C ALA A 307 -15.98 7.86 6.73
N GLY A 308 -16.88 6.96 6.36
CA GLY A 308 -16.78 6.26 5.09
C GLY A 308 -15.83 5.08 5.09
N GLY A 309 -15.18 4.79 6.22
CA GLY A 309 -14.23 3.70 6.30
C GLY A 309 -14.91 2.35 6.43
N TYR A 310 -14.08 1.35 6.76
CA TYR A 310 -14.60 -0.01 6.88
C TYR A 310 -15.60 -0.13 8.02
N ALA A 311 -15.30 0.50 9.17
CA ALA A 311 -16.22 0.40 10.31
C ALA A 311 -17.55 1.06 10.00
N ASP A 312 -17.52 2.18 9.27
CA ASP A 312 -18.76 2.83 8.88
C ASP A 312 -19.56 1.96 7.91
N ASP A 313 -18.89 1.34 6.94
CA ASP A 313 -19.61 0.58 5.92
C ASP A 313 -20.14 -0.74 6.48
N LEU A 314 -19.33 -1.45 7.26
CA LEU A 314 -19.56 -2.87 7.52
C LEU A 314 -20.23 -3.16 8.86
N LEU A 315 -19.94 -2.38 9.89
CA LEU A 315 -20.38 -2.74 11.24
C LEU A 315 -21.88 -2.50 11.40
N ALA A 316 -22.41 -3.03 12.51
CA ALA A 316 -23.85 -3.01 12.73
C ALA A 316 -24.35 -1.62 13.08
N GLY A 317 -23.62 -0.89 13.92
CA GLY A 317 -24.07 0.42 14.34
C GLY A 317 -23.54 1.54 13.46
N THR A 318 -24.04 2.75 13.73
CA THR A 318 -23.43 3.93 13.16
C THR A 318 -21.97 4.03 13.60
N LEU A 319 -21.19 4.81 12.86
CA LEU A 319 -19.79 5.01 13.24
C LEU A 319 -19.69 5.55 14.66
N GLU A 320 -20.58 6.48 15.02
CA GLU A 320 -20.60 7.03 16.37
C GLU A 320 -20.86 5.95 17.41
N ALA A 321 -21.80 5.04 17.12
CA ALA A 321 -22.11 3.97 18.06
C ALA A 321 -20.93 3.02 18.22
N SER A 322 -20.33 2.61 17.10
CA SER A 322 -19.15 1.74 17.16
C SER A 322 -18.03 2.39 17.96
N ILE A 323 -17.80 3.70 17.74
CA ILE A 323 -16.75 4.39 18.48
C ILE A 323 -17.08 4.44 19.97
N ALA A 324 -18.37 4.60 20.31
CA ALA A 324 -18.75 4.54 21.72
C ALA A 324 -18.40 3.19 22.33
N VAL A 325 -18.70 2.10 21.62
CA VAL A 325 -18.38 0.77 22.13
C VAL A 325 -16.86 0.61 22.29
N ILE A 326 -16.11 1.03 21.28
CA ILE A 326 -14.65 0.94 21.33
C ILE A 326 -14.10 1.67 22.55
N LYS A 327 -14.56 2.90 22.76
CA LYS A 327 -14.04 3.70 23.87
C LYS A 327 -14.45 3.11 25.22
N ALA A 328 -15.65 2.54 25.31
CA ALA A 328 -16.04 1.89 26.56
C ALA A 328 -15.15 0.69 26.87
N ALA A 329 -14.85 -0.12 25.84
CA ALA A 329 -13.96 -1.25 26.05
C ALA A 329 -12.56 -0.81 26.47
N ILE A 330 -12.03 0.21 25.79
CA ILE A 330 -10.74 0.79 26.18
C ILE A 330 -10.76 1.22 27.64
N LYS A 331 -11.79 1.97 28.04
CA LYS A 331 -11.83 2.52 29.38
C LYS A 331 -11.90 1.41 30.44
N GLU A 332 -12.74 0.40 30.22
CA GLU A 332 -12.80 -0.71 31.16
C GLU A 332 -11.44 -1.40 31.26
N TYR A 333 -10.81 -1.66 30.11
CA TYR A 333 -9.50 -2.31 30.11
C TYR A 333 -8.49 -1.51 30.94
N MET A 334 -8.36 -0.22 30.64
CA MET A 334 -7.35 0.61 31.34
C MET A 334 -7.67 0.74 32.81
N ASP A 335 -8.97 0.87 33.16
CA ASP A 335 -9.35 0.97 34.56
C ASP A 335 -9.02 -0.30 35.33
N ASN A 336 -9.04 -1.46 34.67
CA ASN A 336 -8.80 -2.75 35.32
C ASN A 336 -7.65 -3.51 34.65
N PHE A 337 -6.57 -2.78 34.35
CA PHE A 337 -5.49 -3.31 33.53
C PHE A 337 -4.97 -4.62 34.09
N THR A 338 -4.58 -4.63 35.37
CA THR A 338 -4.08 -5.85 35.99
C THR A 338 -5.12 -6.96 35.93
N GLU A 339 -6.40 -6.62 36.04
CA GLU A 339 -7.45 -7.62 35.97
C GLU A 339 -7.66 -8.17 34.56
N PHE A 340 -7.03 -7.58 33.55
CA PHE A 340 -7.09 -8.18 32.22
C PHE A 340 -5.83 -8.99 31.86
N ALA A 341 -4.98 -9.30 32.84
CA ALA A 341 -3.97 -10.32 32.62
C ALA A 341 -4.66 -11.64 32.29
N LEU A 342 -4.06 -12.41 31.37
CA LEU A 342 -4.71 -13.61 30.83
C LEU A 342 -5.26 -14.55 31.90
N PRO A 343 -4.51 -14.98 32.93
CA PRO A 343 -5.11 -15.87 33.92
C PRO A 343 -6.27 -15.24 34.67
N ARG A 344 -6.17 -13.94 34.99
CA ARG A 344 -7.26 -13.27 35.69
C ARG A 344 -8.46 -13.07 34.78
N GLU A 345 -8.23 -12.71 33.52
CA GLU A 345 -9.33 -12.55 32.59
C GLU A 345 -10.08 -13.86 32.39
N LEU A 346 -9.35 -14.96 32.25
CA LEU A 346 -9.99 -16.27 32.14
C LEU A 346 -10.75 -16.62 33.42
N ALA A 347 -10.15 -16.35 34.58
CA ALA A 347 -10.79 -16.68 35.84
C ALA A 347 -12.10 -15.91 36.02
N ARG A 348 -12.11 -14.63 35.63
CA ARG A 348 -13.31 -13.81 35.76
C ARG A 348 -14.47 -14.33 34.92
N ARG A 349 -14.21 -15.01 33.80
CA ARG A 349 -15.26 -15.65 33.03
C ARG A 349 -15.51 -17.10 33.45
N GLY A 350 -14.90 -17.54 34.54
CA GLY A 350 -15.12 -18.89 35.00
C GLY A 350 -14.57 -19.97 34.11
N VAL A 351 -13.57 -19.65 33.28
CA VAL A 351 -13.00 -20.62 32.35
C VAL A 351 -11.49 -20.65 32.50
N GLY A 352 -10.98 -20.27 33.68
CA GLY A 352 -9.56 -20.37 33.95
C GLY A 352 -9.13 -21.78 34.26
N ILE A 353 -7.81 -21.97 34.36
CA ILE A 353 -7.27 -23.29 34.64
C ILE A 353 -7.68 -23.77 36.03
N GLY A 354 -8.01 -22.85 36.93
CA GLY A 354 -8.50 -23.21 38.24
C GLY A 354 -9.98 -23.49 38.32
N ASP A 355 -10.71 -23.31 37.21
CA ASP A 355 -12.14 -23.60 37.16
C ASP A 355 -12.33 -25.07 36.82
N VAL A 356 -12.22 -25.91 37.84
CA VAL A 356 -12.24 -27.35 37.68
C VAL A 356 -13.37 -27.93 38.53
N ASP A 357 -13.82 -29.12 38.13
CA ASP A 357 -14.84 -29.84 38.88
C ASP A 357 -14.18 -30.57 40.05
N GLN A 358 -14.96 -31.41 40.74
CA GLN A 358 -14.39 -32.16 41.87
C GLN A 358 -13.40 -33.22 41.41
N ARG A 359 -13.47 -33.64 40.15
CA ARG A 359 -12.53 -34.61 39.60
C ARG A 359 -11.22 -33.96 39.12
N GLY A 360 -11.05 -32.65 39.35
CA GLY A 360 -9.86 -31.95 38.93
C GLY A 360 -9.86 -31.48 37.49
N GLU A 361 -10.86 -31.86 36.70
CA GLU A 361 -10.90 -31.52 35.28
C GLU A 361 -11.67 -30.23 35.06
N ASN A 362 -11.26 -29.48 34.04
CA ASN A 362 -11.85 -28.17 33.77
C ASN A 362 -13.30 -28.32 33.32
N PHE A 363 -14.15 -27.38 33.75
CA PHE A 363 -15.53 -27.36 33.30
C PHE A 363 -15.62 -27.16 31.78
N LEU A 364 -14.59 -26.59 31.17
CA LEU A 364 -14.54 -26.38 29.72
C LEU A 364 -13.20 -26.95 29.25
N PRO A 365 -13.14 -28.27 29.03
CA PRO A 365 -11.86 -28.89 28.68
C PRO A 365 -11.35 -28.50 27.30
N ASP A 366 -12.24 -28.22 26.35
CA ASP A 366 -11.86 -27.89 24.98
C ASP A 366 -11.82 -26.36 24.86
N TYR A 367 -10.63 -25.80 25.08
CA TYR A 367 -10.42 -24.36 24.99
C TYR A 367 -9.03 -24.10 24.44
N PRO A 368 -8.85 -24.24 23.12
CA PRO A 368 -7.50 -24.12 22.54
C PRO A 368 -6.85 -22.76 22.78
N TYR A 369 -7.63 -21.67 22.66
CA TYR A 369 -7.09 -20.36 22.96
C TYR A 369 -6.52 -20.29 24.37
N ARG A 370 -7.22 -20.87 25.35
CA ARG A 370 -6.74 -20.85 26.72
C ARG A 370 -5.43 -21.62 26.85
N ASP A 371 -5.39 -22.85 26.36
CA ASP A 371 -4.19 -23.69 26.49
C ASP A 371 -2.97 -22.99 25.87
N ASP A 372 -3.05 -22.69 24.57
CA ASP A 372 -1.89 -22.16 23.86
C ASP A 372 -1.53 -20.77 24.36
N ALA A 373 -2.54 -19.93 24.59
CA ALA A 373 -2.30 -18.59 25.12
C ALA A 373 -1.63 -18.67 26.49
N MET A 374 -2.01 -19.65 27.32
CA MET A 374 -1.35 -19.80 28.61
C MET A 374 0.11 -20.18 28.45
N LEU A 375 0.41 -21.11 27.53
CA LEU A 375 1.80 -21.42 27.24
C LEU A 375 2.59 -20.16 26.88
N LEU A 376 2.06 -19.35 25.97
CA LEU A 376 2.78 -18.16 25.55
C LEU A 376 2.91 -17.14 26.67
N TRP A 377 1.85 -16.96 27.46
CA TRP A 377 1.89 -16.04 28.58
C TRP A 377 2.99 -16.41 29.56
N ASN A 378 3.05 -17.69 29.95
CA ASN A 378 4.06 -18.13 30.92
C ASN A 378 5.46 -17.99 30.35
N ALA A 379 5.66 -18.34 29.07
CA ALA A 379 6.97 -18.19 28.45
C ALA A 379 7.42 -16.74 28.45
N ILE A 380 6.53 -15.83 28.01
CA ILE A 380 6.84 -14.40 28.05
C ILE A 380 7.15 -13.95 29.47
N GLU A 381 6.42 -14.48 30.45
CA GLU A 381 6.65 -14.06 31.83
C GLU A 381 8.05 -14.43 32.28
N VAL A 382 8.49 -15.67 31.99
CA VAL A 382 9.86 -16.07 32.33
C VAL A 382 10.87 -15.18 31.61
N TYR A 383 10.65 -14.92 30.32
CA TYR A 383 11.55 -14.08 29.54
C TYR A 383 11.68 -12.68 30.14
N VAL A 384 10.53 -12.05 30.46
CA VAL A 384 10.52 -10.70 31.01
C VAL A 384 11.19 -10.67 32.38
N ARG A 385 10.89 -11.65 33.24
CA ARG A 385 11.49 -11.66 34.57
C ARG A 385 13.00 -11.81 34.49
N ASP A 386 13.47 -12.74 33.65
CA ASP A 386 14.91 -12.96 33.54
C ASP A 386 15.61 -11.78 32.88
N TYR A 387 14.94 -11.09 31.96
CA TYR A 387 15.53 -9.88 31.37
C TYR A 387 15.62 -8.76 32.39
N LEU A 388 14.51 -8.49 33.10
CA LEU A 388 14.50 -7.36 34.02
C LEU A 388 15.39 -7.60 35.23
N SER A 389 15.55 -8.86 35.65
CA SER A 389 16.45 -9.15 36.75
C SER A 389 17.92 -8.89 36.40
N LEU A 390 18.25 -8.74 35.12
CA LEU A 390 19.58 -8.31 34.73
C LEU A 390 19.86 -6.86 35.11
N TYR A 391 18.82 -6.05 35.29
CA TYR A 391 18.97 -4.62 35.53
C TYR A 391 18.36 -4.16 36.84
N TYR A 392 17.34 -4.85 37.35
CA TYR A 392 16.72 -4.53 38.64
C TYR A 392 16.95 -5.70 39.57
N GLN A 393 17.75 -5.48 40.62
CA GLN A 393 17.99 -6.49 41.63
C GLN A 393 17.23 -6.22 42.92
N SER A 394 17.13 -4.96 43.32
CA SER A 394 16.41 -4.58 44.53
C SER A 394 15.35 -3.54 44.19
N PRO A 395 14.23 -3.53 44.93
CA PRO A 395 13.14 -2.59 44.59
C PRO A 395 13.53 -1.13 44.69
N VAL A 396 14.60 -0.80 45.41
CA VAL A 396 15.01 0.60 45.50
C VAL A 396 15.43 1.11 44.12
N GLN A 397 15.96 0.22 43.28
CA GLN A 397 16.31 0.60 41.91
C GLN A 397 15.07 0.92 41.10
N ILE A 398 13.98 0.17 41.32
CA ILE A 398 12.69 0.51 40.73
C ILE A 398 12.25 1.90 41.20
N ARG A 399 12.29 2.14 42.50
CA ARG A 399 11.75 3.39 43.03
C ARG A 399 12.61 4.60 42.64
N GLN A 400 13.92 4.42 42.51
CA GLN A 400 14.81 5.52 42.20
C GLN A 400 15.06 5.68 40.70
N ASP A 401 14.35 4.90 39.87
CA ASP A 401 14.43 5.06 38.42
C ASP A 401 13.48 6.20 38.03
N THR A 402 14.04 7.40 37.88
CA THR A 402 13.21 8.57 37.57
C THR A 402 12.49 8.39 36.23
N GLU A 403 13.15 7.80 35.24
CA GLU A 403 12.52 7.63 33.93
C GLU A 403 11.36 6.64 34.00
N LEU A 404 11.54 5.53 34.72
CA LEU A 404 10.46 4.55 34.86
C LEU A 404 9.28 5.15 35.63
N GLN A 405 9.55 5.89 36.69
CA GLN A 405 8.48 6.52 37.46
C GLN A 405 7.74 7.55 36.60
N ASN A 406 8.46 8.29 35.76
CA ASN A 406 7.80 9.19 34.83
C ASN A 406 6.97 8.43 33.81
N TRP A 407 7.44 7.24 33.41
CA TRP A 407 6.69 6.37 32.50
C TRP A 407 5.35 6.00 33.11
N VAL A 408 5.35 5.56 34.37
CA VAL A 408 4.11 5.23 35.07
C VAL A 408 3.21 6.45 35.19
N ARG A 409 3.77 7.58 35.66
CA ARG A 409 2.96 8.77 35.84
C ARG A 409 2.32 9.21 34.54
N ARG A 410 3.06 9.13 33.43
CA ARG A 410 2.49 9.45 32.12
C ARG A 410 1.34 8.51 31.78
N LEU A 411 1.53 7.21 32.02
CA LEU A 411 0.50 6.25 31.65
C LEU A 411 -0.78 6.46 32.45
N VAL A 412 -0.68 6.69 33.76
CA VAL A 412 -1.88 6.80 34.57
C VAL A 412 -2.59 8.14 34.38
N SER A 413 -1.89 9.15 33.85
CA SER A 413 -2.45 10.49 33.80
C SER A 413 -3.58 10.56 32.78
N PRO A 414 -4.51 11.52 32.95
CA PRO A 414 -5.64 11.60 32.00
C PRO A 414 -5.23 11.87 30.57
N GLU A 415 -4.11 12.56 30.35
N GLU A 415 -4.11 12.56 30.35
CA GLU A 415 -3.66 12.89 29.01
CA GLU A 415 -3.66 12.89 29.00
C GLU A 415 -2.68 11.86 28.44
C GLU A 415 -2.66 11.88 28.44
N GLY A 416 -2.32 10.85 29.22
CA GLY A 416 -1.34 9.87 28.76
C GLY A 416 -1.86 8.46 28.66
N GLY A 417 -3.17 8.28 28.79
CA GLY A 417 -3.72 6.95 28.63
C GLY A 417 -4.78 6.58 29.66
N ARG A 418 -4.81 7.28 30.79
CA ARG A 418 -5.76 7.01 31.86
C ARG A 418 -5.71 5.56 32.34
N VAL A 419 -4.50 5.01 32.41
CA VAL A 419 -4.34 3.63 32.85
C VAL A 419 -4.37 3.60 34.38
N THR A 420 -5.52 3.97 34.96
CA THR A 420 -5.66 4.08 36.40
C THR A 420 -5.59 2.72 37.10
N GLY A 421 -5.59 1.62 36.36
CA GLY A 421 -5.44 0.32 36.97
C GLY A 421 -4.05 -0.25 36.82
N LEU A 422 -3.08 0.63 36.54
CA LEU A 422 -1.72 0.16 36.23
C LEU A 422 -0.96 -0.26 37.50
N VAL A 423 -1.02 0.55 38.55
CA VAL A 423 -0.21 0.33 39.75
C VAL A 423 -1.07 0.50 40.99
N SER A 424 -0.54 0.06 42.12
CA SER A 424 -1.15 0.23 43.44
C SER A 424 -0.44 1.33 44.19
N ASN A 425 -1.14 1.95 45.15
CA ASN A 425 -0.61 3.00 46.01
C ASN A 425 -0.15 4.23 45.21
N GLY A 426 -0.61 4.36 43.97
CA GLY A 426 -0.23 5.49 43.14
C GLY A 426 1.20 5.50 42.67
N GLU A 427 1.96 4.43 42.91
CA GLU A 427 3.38 4.37 42.54
C GLU A 427 3.77 2.93 42.26
N LEU A 428 4.65 2.75 41.27
CA LEU A 428 5.25 1.45 40.97
C LEU A 428 6.44 1.26 41.92
N ASN A 429 6.37 0.26 42.78
CA ASN A 429 7.36 0.10 43.84
C ASN A 429 8.15 -1.19 43.80
N THR A 430 7.72 -2.19 43.03
CA THR A 430 8.37 -3.51 43.08
C THR A 430 8.76 -3.95 41.67
N ILE A 431 9.75 -4.84 41.63
CA ILE A 431 10.18 -5.44 40.37
C ILE A 431 9.08 -6.31 39.78
N GLU A 432 8.44 -7.15 40.61
CA GLU A 432 7.46 -8.10 40.08
C GLU A 432 6.25 -7.40 39.47
N ALA A 433 5.90 -6.21 39.95
CA ALA A 433 4.81 -5.47 39.34
C ALA A 433 5.18 -5.03 37.92
N LEU A 434 6.41 -4.55 37.74
CA LEU A 434 6.90 -4.23 36.41
C LEU A 434 6.97 -5.48 35.54
N VAL A 435 7.31 -6.63 36.14
CA VAL A 435 7.31 -7.89 35.40
C VAL A 435 5.91 -8.19 34.87
N ALA A 436 4.90 -8.04 35.73
CA ALA A 436 3.52 -8.27 35.30
C ALA A 436 3.11 -7.31 34.20
N ILE A 437 3.47 -6.02 34.34
CA ILE A 437 3.11 -5.03 33.33
C ILE A 437 3.74 -5.39 31.98
N ALA A 438 5.06 -5.56 31.95
CA ALA A 438 5.74 -5.82 30.69
C ALA A 438 5.27 -7.13 30.07
N THR A 439 5.06 -8.15 30.90
CA THR A 439 4.51 -9.42 30.41
C THR A 439 3.16 -9.20 29.73
N GLN A 440 2.28 -8.42 30.35
CA GLN A 440 0.96 -8.21 29.76
C GLN A 440 1.06 -7.42 28.46
N VAL A 441 1.91 -6.41 28.41
CA VAL A 441 2.05 -5.60 27.19
C VAL A 441 2.56 -6.47 26.04
N ILE A 442 3.60 -7.27 26.29
CA ILE A 442 4.15 -8.11 25.23
C ILE A 442 3.15 -9.17 24.81
N PHE A 443 2.42 -9.74 25.78
CA PHE A 443 1.41 -10.75 25.43
C PHE A 443 0.32 -10.15 24.54
N VAL A 444 -0.16 -8.96 24.89
CA VAL A 444 -1.20 -8.31 24.08
C VAL A 444 -0.66 -8.01 22.68
N SER A 445 0.54 -7.45 22.60
CA SER A 445 1.05 -7.01 21.30
C SER A 445 1.28 -8.17 20.35
N GLY A 446 1.74 -9.31 20.86
CA GLY A 446 2.02 -10.46 20.04
C GLY A 446 0.91 -11.50 20.06
N PRO A 447 0.93 -12.36 21.07
CA PRO A 447 -0.04 -13.48 21.10
C PRO A 447 -1.50 -13.08 21.00
N GLN A 448 -1.97 -12.14 21.84
CA GLN A 448 -3.40 -11.84 21.86
C GLN A 448 -3.86 -11.25 20.53
N HIS A 449 -3.09 -10.29 20.00
CA HIS A 449 -3.43 -9.73 18.70
C HIS A 449 -3.40 -10.80 17.61
N ALA A 450 -2.47 -11.76 17.71
CA ALA A 450 -2.47 -12.85 16.74
C ALA A 450 -3.77 -13.64 16.83
N ALA A 451 -4.19 -13.94 18.07
CA ALA A 451 -5.35 -14.79 18.29
C ALA A 451 -6.64 -14.14 17.82
N VAL A 452 -6.75 -12.81 17.89
CA VAL A 452 -7.97 -12.16 17.43
C VAL A 452 -7.85 -11.65 16.00
N ASN A 453 -6.64 -11.53 15.46
CA ASN A 453 -6.44 -10.95 14.15
C ASN A 453 -6.44 -12.02 13.05
N TYR A 454 -5.67 -13.09 13.23
CA TYR A 454 -5.48 -13.98 12.08
C TYR A 454 -6.61 -14.99 11.83
N PRO A 455 -7.52 -15.28 12.76
CA PRO A 455 -8.72 -16.05 12.38
C PRO A 455 -9.73 -15.25 11.56
N GLN A 456 -9.50 -13.95 11.37
CA GLN A 456 -10.47 -13.09 10.70
C GLN A 456 -10.79 -13.59 9.30
N TYR A 457 -9.79 -14.08 8.57
CA TYR A 457 -10.06 -14.54 7.21
C TYR A 457 -10.80 -15.88 7.23
N ASP A 458 -10.33 -16.81 8.06
CA ASP A 458 -10.92 -18.14 8.07
C ASP A 458 -12.38 -18.12 8.50
N TYR A 459 -12.77 -17.17 9.35
CA TYR A 459 -14.13 -17.19 9.86
C TYR A 459 -15.00 -16.02 9.43
N MET A 460 -14.41 -14.94 8.94
CA MET A 460 -15.15 -13.73 8.62
C MET A 460 -15.02 -13.30 7.17
N ALA A 461 -14.14 -13.93 6.39
CA ALA A 461 -14.10 -13.66 4.95
C ALA A 461 -15.15 -14.46 4.20
N PHE A 462 -15.62 -15.58 4.76
CA PHE A 462 -16.85 -16.22 4.29
C PHE A 462 -18.00 -15.53 4.99
N ILE A 463 -18.71 -14.67 4.26
CA ILE A 463 -19.65 -13.75 4.88
C ILE A 463 -20.75 -14.46 5.66
N PRO A 464 -21.42 -15.49 5.13
CA PRO A 464 -22.54 -16.08 5.88
C PRO A 464 -22.18 -16.61 7.26
N ASN A 465 -20.92 -16.92 7.52
CA ASN A 465 -20.57 -17.41 8.85
C ASN A 465 -20.59 -16.30 9.89
N MET A 466 -20.13 -15.11 9.53
CA MET A 466 -20.03 -13.99 10.48
C MET A 466 -20.12 -12.68 9.71
N PRO A 467 -21.33 -12.29 9.32
CA PRO A 467 -21.48 -10.98 8.67
C PRO A 467 -21.40 -9.86 9.69
N LEU A 468 -20.64 -8.81 9.37
CA LEU A 468 -20.45 -7.73 10.32
C LEU A 468 -21.70 -6.89 10.52
N ALA A 469 -22.73 -7.10 9.70
CA ALA A 469 -24.02 -6.47 9.91
C ALA A 469 -25.10 -7.35 9.29
N THR A 470 -26.32 -7.22 9.83
CA THR A 470 -27.50 -7.84 9.26
C THR A 470 -28.41 -6.76 8.71
N TYR A 471 -29.12 -7.10 7.63
CA TYR A 471 -29.81 -6.10 6.82
C TYR A 471 -31.31 -6.33 6.72
N ALA A 472 -31.87 -7.17 7.58
CA ALA A 472 -33.31 -7.32 7.71
C ALA A 472 -33.60 -7.83 9.11
N THR A 473 -34.85 -7.67 9.52
CA THR A 473 -35.24 -8.10 10.86
C THR A 473 -35.35 -9.62 10.92
N PRO A 474 -35.19 -10.20 12.11
CA PRO A 474 -35.47 -11.62 12.27
C PRO A 474 -36.92 -11.92 11.95
N PRO A 475 -37.19 -12.88 11.07
CA PRO A 475 -38.57 -13.20 10.72
C PRO A 475 -39.35 -13.71 11.93
N ASN A 476 -40.67 -13.54 11.86
CA ASN A 476 -41.54 -14.07 12.90
C ASN A 476 -41.35 -15.59 13.01
N LYS A 477 -41.47 -16.10 14.24
CA LYS A 477 -41.11 -17.50 14.49
C LYS A 477 -42.00 -18.46 13.71
N GLU A 478 -43.21 -18.05 13.36
CA GLU A 478 -44.14 -18.89 12.63
C GLU A 478 -44.05 -18.69 11.11
N SER A 479 -43.23 -17.75 10.65
CA SER A 479 -43.17 -17.45 9.22
C SER A 479 -42.40 -18.52 8.47
N ASN A 480 -42.70 -18.64 7.18
CA ASN A 480 -41.96 -19.52 6.31
C ASN A 480 -40.74 -18.79 5.78
N ILE A 481 -39.58 -19.43 5.85
N ILE A 481 -39.58 -19.45 5.85
CA ILE A 481 -38.31 -18.82 5.47
CA ILE A 481 -38.31 -18.86 5.46
C ILE A 481 -37.88 -19.37 4.12
C ILE A 481 -37.91 -19.39 4.10
N SER A 482 -37.72 -18.49 3.14
CA SER A 482 -37.22 -18.85 1.82
C SER A 482 -35.74 -18.50 1.74
N GLU A 483 -35.12 -18.83 0.60
CA GLU A 483 -33.74 -18.43 0.39
C GLU A 483 -33.61 -16.91 0.28
N ALA A 484 -34.62 -16.25 -0.29
CA ALA A 484 -34.61 -14.79 -0.39
C ALA A 484 -34.66 -14.11 0.97
N THR A 485 -35.34 -14.72 1.94
CA THR A 485 -35.32 -14.20 3.31
C THR A 485 -33.89 -14.11 3.83
N ILE A 486 -33.18 -15.23 3.78
CA ILE A 486 -31.82 -15.29 4.29
C ILE A 486 -30.91 -14.36 3.51
N LEU A 487 -31.08 -14.31 2.18
CA LEU A 487 -30.28 -13.40 1.37
C LEU A 487 -30.56 -11.93 1.72
N ASN A 488 -31.78 -11.63 2.14
CA ASN A 488 -32.09 -10.26 2.57
C ASN A 488 -31.49 -9.96 3.94
N ILE A 489 -31.31 -10.98 4.78
CA ILE A 489 -30.64 -10.76 6.05
C ILE A 489 -29.14 -10.60 5.87
N LEU A 490 -28.54 -11.37 4.97
CA LEU A 490 -27.10 -11.30 4.74
C LEU A 490 -26.74 -10.01 4.00
N PRO A 491 -25.47 -9.61 4.05
CA PRO A 491 -25.10 -8.31 3.48
C PRO A 491 -25.31 -8.27 1.98
N PRO A 492 -25.61 -7.10 1.42
CA PRO A 492 -25.66 -6.96 -0.04
C PRO A 492 -24.27 -7.17 -0.64
N GLN A 493 -24.26 -7.33 -1.97
CA GLN A 493 -23.05 -7.77 -2.67
C GLN A 493 -21.88 -6.83 -2.41
N LYS A 494 -22.11 -5.53 -2.53
CA LYS A 494 -21.03 -4.55 -2.38
C LYS A 494 -20.39 -4.65 -1.00
N LEU A 495 -21.21 -4.76 0.05
CA LEU A 495 -20.67 -4.77 1.41
C LEU A 495 -20.05 -6.12 1.76
N ALA A 496 -20.55 -7.21 1.19
CA ALA A 496 -19.87 -8.49 1.32
C ALA A 496 -18.48 -8.41 0.70
N ALA A 497 -18.39 -7.83 -0.50
CA ALA A 497 -17.09 -7.62 -1.13
C ALA A 497 -16.17 -6.80 -0.24
N ARG A 498 -16.69 -5.73 0.36
CA ARG A 498 -15.87 -4.89 1.23
C ARG A 498 -15.38 -5.68 2.44
N GLN A 499 -16.23 -6.55 3.01
CA GLN A 499 -15.80 -7.34 4.16
C GLN A 499 -14.69 -8.31 3.78
N LEU A 500 -14.83 -9.02 2.64
CA LEU A 500 -13.73 -9.87 2.17
C LEU A 500 -12.45 -9.06 1.98
N GLU A 501 -12.56 -7.91 1.30
CA GLU A 501 -11.43 -7.01 1.13
C GLU A 501 -10.72 -6.76 2.44
N LEU A 502 -11.47 -6.35 3.46
CA LEU A 502 -10.88 -6.03 4.76
C LEU A 502 -10.18 -7.23 5.36
N MET A 503 -10.89 -8.36 5.51
CA MET A 503 -10.30 -9.51 6.17
C MET A 503 -9.03 -9.98 5.48
N ARG A 504 -9.07 -10.01 4.14
CA ARG A 504 -7.89 -10.41 3.39
C ARG A 504 -6.71 -9.50 3.67
N THR A 505 -6.93 -8.17 3.62
CA THR A 505 -5.82 -7.27 3.93
C THR A 505 -5.30 -7.48 5.34
N LEU A 506 -6.20 -7.75 6.30
CA LEU A 506 -5.74 -7.88 7.68
C LEU A 506 -5.00 -9.19 7.94
N CYS A 507 -5.16 -10.20 7.09
CA CYS A 507 -4.54 -11.49 7.39
C CYS A 507 -3.48 -11.94 6.39
N VAL A 508 -3.03 -11.05 5.49
CA VAL A 508 -2.30 -11.56 4.33
C VAL A 508 -0.85 -11.94 4.66
N PHE A 509 -0.22 -11.31 5.65
CA PHE A 509 1.16 -11.68 5.96
C PHE A 509 1.47 -11.38 7.42
N TYR A 510 2.62 -11.88 7.86
CA TYR A 510 3.13 -11.65 9.21
C TYR A 510 4.23 -10.60 9.15
N PRO A 511 4.01 -9.39 9.65
CA PRO A 511 5.04 -8.34 9.54
C PRO A 511 6.32 -8.68 10.28
N ASN A 512 6.26 -9.48 11.34
CA ASN A 512 7.44 -9.90 12.09
C ASN A 512 7.06 -11.18 12.84
N ARG A 513 7.96 -11.64 13.72
CA ARG A 513 7.80 -12.93 14.36
C ARG A 513 8.17 -12.85 15.83
N LEU A 514 7.36 -13.48 16.68
CA LEU A 514 7.54 -13.39 18.13
C LEU A 514 8.90 -13.90 18.55
N GLY A 515 9.64 -13.07 19.27
CA GLY A 515 10.94 -13.44 19.78
C GLY A 515 12.10 -13.23 18.84
N TYR A 516 11.87 -12.66 17.65
CA TYR A 516 12.92 -12.45 16.66
C TYR A 516 12.95 -10.96 16.29
N PRO A 517 13.62 -10.14 17.09
CA PRO A 517 13.70 -8.71 16.78
C PRO A 517 14.65 -8.47 15.61
N ASP A 518 14.52 -7.27 15.01
CA ASP A 518 15.36 -6.93 13.88
C ASP A 518 16.82 -6.78 14.26
N THR A 519 17.11 -6.29 15.47
CA THR A 519 18.48 -6.09 15.91
C THR A 519 18.66 -6.69 17.30
N GLU A 520 19.80 -7.37 17.47
CA GLU A 520 20.08 -8.08 18.71
C GLU A 520 20.24 -7.10 19.87
N PHE A 521 20.15 -7.64 21.08
CA PHE A 521 20.49 -6.88 22.27
C PHE A 521 22.00 -6.68 22.33
N VAL A 522 22.42 -5.44 22.62
CA VAL A 522 23.84 -5.18 22.82
C VAL A 522 24.36 -5.91 24.05
N ASP A 523 23.54 -5.96 25.11
CA ASP A 523 23.90 -6.71 26.30
C ASP A 523 23.89 -8.21 26.00
N VAL A 524 25.06 -8.85 26.12
CA VAL A 524 25.17 -10.27 25.80
C VAL A 524 24.32 -11.10 26.75
N ARG A 525 24.19 -10.67 28.01
CA ARG A 525 23.30 -11.36 28.94
C ARG A 525 21.85 -11.29 28.46
N ALA A 526 21.43 -10.10 28.02
CA ALA A 526 20.08 -9.95 27.50
C ALA A 526 19.86 -10.80 26.25
N GLN A 527 20.88 -10.87 25.39
CA GLN A 527 20.76 -11.71 24.20
C GLN A 527 20.67 -13.19 24.57
N GLN A 528 21.36 -13.61 25.65
CA GLN A 528 21.22 -14.99 26.11
C GLN A 528 19.81 -15.25 26.62
N VAL A 529 19.25 -14.31 27.39
CA VAL A 529 17.86 -14.44 27.82
C VAL A 529 16.93 -14.58 26.61
N LEU A 530 17.15 -13.76 25.58
CA LEU A 530 16.31 -13.84 24.39
C LEU A 530 16.45 -15.18 23.69
N HIS A 531 17.68 -15.70 23.60
N HIS A 531 17.68 -15.69 23.60
CA HIS A 531 17.89 -17.01 22.98
CA HIS A 531 17.90 -17.01 22.98
C HIS A 531 17.15 -18.10 23.73
C HIS A 531 17.13 -18.09 23.73
N GLN A 532 17.17 -18.05 25.07
CA GLN A 532 16.40 -19.00 25.86
C GLN A 532 14.90 -18.86 25.57
N PHE A 533 14.43 -17.62 25.41
CA PHE A 533 13.04 -17.43 25.02
C PHE A 533 12.75 -18.09 23.68
N GLN A 534 13.68 -17.98 22.73
CA GLN A 534 13.45 -18.59 21.41
C GLN A 534 13.39 -20.11 21.51
N GLU A 535 14.30 -20.72 22.29
CA GLU A 535 14.24 -22.17 22.45
C GLU A 535 12.93 -22.61 23.11
N ARG A 536 12.51 -21.87 24.15
CA ARG A 536 11.21 -22.15 24.76
C ARG A 536 10.08 -22.05 23.73
N LEU A 537 10.16 -21.08 22.81
CA LEU A 537 9.12 -20.95 21.80
C LEU A 537 9.11 -22.15 20.86
N GLN A 538 10.28 -22.70 20.53
CA GLN A 538 10.32 -23.92 19.73
C GLN A 538 9.66 -25.07 20.47
N GLU A 539 9.99 -25.24 21.75
CA GLU A 539 9.34 -26.29 22.54
C GLU A 539 7.82 -26.13 22.53
N ILE A 540 7.35 -24.89 22.73
CA ILE A 540 5.90 -24.63 22.74
C ILE A 540 5.30 -24.98 21.38
N GLU A 541 6.00 -24.63 20.29
CA GLU A 541 5.52 -24.97 18.95
C GLU A 541 5.30 -26.47 18.82
N GLN A 542 6.28 -27.27 19.23
CA GLN A 542 6.13 -28.73 19.12
C GLN A 542 4.98 -29.24 19.98
N ARG A 543 4.85 -28.71 21.21
CA ARG A 543 3.75 -29.12 22.08
C ARG A 543 2.39 -28.83 21.43
N ILE A 544 2.23 -27.63 20.89
CA ILE A 544 0.98 -27.27 20.24
C ILE A 544 0.73 -28.16 19.02
N VAL A 545 1.80 -28.54 18.30
CA VAL A 545 1.62 -29.43 17.16
C VAL A 545 1.05 -30.77 17.60
N LEU A 546 1.57 -31.32 18.70
CA LEU A 546 1.01 -32.56 19.22
C LEU A 546 -0.45 -32.38 19.64
N CYS A 547 -0.74 -31.33 20.42
CA CYS A 547 -2.12 -31.09 20.83
C CYS A 547 -3.05 -31.01 19.63
N ASN A 548 -2.60 -30.34 18.56
CA ASN A 548 -3.42 -30.24 17.35
C ASN A 548 -3.60 -31.59 16.69
N GLU A 549 -2.58 -32.46 16.77
CA GLU A 549 -2.78 -33.83 16.32
C GLU A 549 -3.90 -34.52 17.10
N LYS A 550 -4.11 -34.11 18.35
CA LYS A 550 -5.17 -34.72 19.16
C LYS A 550 -6.49 -33.95 19.15
N ARG A 551 -6.51 -32.69 18.72
CA ARG A 551 -7.73 -31.89 18.82
C ARG A 551 -8.74 -32.27 17.74
N LEU A 552 -10.00 -31.89 17.97
CA LEU A 552 -11.05 -32.07 16.97
C LEU A 552 -10.66 -31.42 15.65
N GLU A 553 -10.28 -30.15 15.71
CA GLU A 553 -9.73 -29.39 14.60
C GLU A 553 -8.47 -28.69 15.09
N PRO A 554 -7.46 -28.56 14.23
CA PRO A 554 -6.24 -27.87 14.65
C PRO A 554 -6.51 -26.41 14.98
N TYR A 555 -5.80 -25.91 15.97
CA TYR A 555 -5.84 -24.48 16.33
C TYR A 555 -4.43 -23.95 16.10
N THR A 556 -4.24 -23.23 15.00
CA THR A 556 -2.92 -22.88 14.51
C THR A 556 -2.51 -21.43 14.82
N TYR A 557 -3.44 -20.60 15.30
CA TYR A 557 -3.19 -19.17 15.34
C TYR A 557 -2.19 -18.78 16.44
N LEU A 558 -1.97 -19.63 17.43
CA LEU A 558 -1.03 -19.34 18.50
C LEU A 558 0.24 -20.17 18.43
N LEU A 559 0.44 -20.90 17.33
CA LEU A 559 1.76 -21.44 17.05
C LEU A 559 2.77 -20.29 17.01
N PRO A 560 3.87 -20.38 17.77
CA PRO A 560 4.80 -19.24 17.81
C PRO A 560 5.32 -18.83 16.44
N SER A 561 5.38 -19.75 15.48
CA SER A 561 5.78 -19.40 14.13
C SER A 561 4.73 -18.55 13.42
N ASN A 562 3.51 -18.52 13.92
CA ASN A 562 2.42 -17.72 13.36
C ASN A 562 2.09 -16.49 14.19
N VAL A 563 2.86 -16.20 15.23
CA VAL A 563 2.60 -15.08 16.13
C VAL A 563 3.60 -13.98 15.81
N PRO A 564 3.15 -12.79 15.40
CA PRO A 564 4.08 -11.69 15.17
C PRO A 564 4.72 -11.22 16.47
N ASN A 565 5.80 -10.45 16.33
CA ASN A 565 6.44 -9.84 17.48
C ASN A 565 5.68 -8.61 17.98
N SER A 566 4.84 -8.01 17.14
CA SER A 566 4.13 -6.79 17.51
C SER A 566 2.77 -6.77 16.83
N THR A 567 1.86 -5.99 17.40
CA THR A 567 0.61 -5.66 16.73
C THR A 567 0.93 -4.74 15.56
N SER A 568 0.87 -5.27 14.34
CA SER A 568 1.40 -4.52 13.20
C SER A 568 0.59 -4.71 11.93
N ILE A 569 -0.61 -5.28 12.00
CA ILE A 569 -1.44 -5.46 10.82
C ILE A 569 -2.91 -5.46 11.26
N MET B 1 19.57 22.92 13.53
CA MET B 1 19.66 23.50 12.21
C MET B 1 21.08 24.07 11.99
N VAL B 2 21.76 23.58 10.96
CA VAL B 2 23.17 23.91 10.71
C VAL B 2 23.27 24.70 9.42
N GLN B 3 23.92 25.86 9.49
CA GLN B 3 24.11 26.70 8.33
C GLN B 3 24.93 25.96 7.27
N PRO B 4 24.48 25.93 6.02
CA PRO B 4 25.27 25.24 4.99
C PRO B 4 26.57 25.96 4.72
N SER B 5 27.61 25.19 4.39
CA SER B 5 28.93 25.76 4.18
C SER B 5 29.77 24.78 3.36
N LEU B 6 30.78 25.33 2.69
CA LEU B 6 31.73 24.52 1.96
C LEU B 6 32.72 23.89 2.94
N PRO B 7 33.14 22.64 2.68
CA PRO B 7 33.99 21.94 3.66
C PRO B 7 35.34 22.59 3.89
N GLN B 8 35.92 23.25 2.87
CA GLN B 8 37.21 23.89 3.05
C GLN B 8 37.14 25.13 3.92
N ASP B 9 35.95 25.65 4.21
CA ASP B 9 35.79 26.82 5.07
C ASP B 9 35.46 26.45 6.51
N ASP B 10 35.37 25.17 6.83
CA ASP B 10 35.01 24.73 8.17
C ASP B 10 36.24 24.54 9.05
N THR B 11 36.01 24.43 10.35
CA THR B 11 37.06 24.16 11.30
C THR B 11 37.40 22.67 11.29
N PRO B 12 38.59 22.30 11.79
CA PRO B 12 38.94 20.86 11.86
C PRO B 12 37.92 20.02 12.61
N ASP B 13 37.36 20.53 13.72
CA ASP B 13 36.30 19.81 14.41
C ASP B 13 35.08 19.65 13.51
N GLN B 14 34.63 20.74 12.90
CA GLN B 14 33.50 20.68 11.97
C GLN B 14 33.79 19.74 10.81
N GLN B 15 34.99 19.80 10.25
CA GLN B 15 35.34 18.91 9.14
C GLN B 15 35.28 17.45 9.57
N GLU B 16 35.77 17.15 10.78
CA GLU B 16 35.71 15.78 11.28
C GLU B 16 34.26 15.32 11.47
N GLN B 17 33.38 16.23 11.92
CA GLN B 17 31.98 15.89 12.03
C GLN B 17 31.37 15.60 10.67
N ARG B 18 31.66 16.45 9.68
CA ARG B 18 31.22 16.21 8.31
C ARG B 18 31.68 14.84 7.82
N ASN B 19 32.93 14.48 8.08
CA ASN B 19 33.44 13.20 7.61
C ASN B 19 32.80 12.03 8.33
N ARG B 20 32.44 12.20 9.61
CA ARG B 20 31.73 11.14 10.31
C ARG B 20 30.34 10.95 9.72
N ALA B 21 29.62 12.05 9.48
CA ALA B 21 28.31 11.95 8.84
C ALA B 21 28.41 11.29 7.48
N ILE B 22 29.45 11.63 6.71
CA ILE B 22 29.64 11.02 5.39
C ILE B 22 29.90 9.52 5.52
N ALA B 23 30.67 9.12 6.53
CA ALA B 23 30.92 7.70 6.75
C ALA B 23 29.63 6.95 7.06
N GLN B 24 28.79 7.53 7.94
CA GLN B 24 27.53 6.88 8.28
C GLN B 24 26.60 6.80 7.06
N GLN B 25 26.53 7.87 6.27
CA GLN B 25 25.70 7.84 5.08
C GLN B 25 26.21 6.82 4.07
N ARG B 26 27.53 6.73 3.89
CA ARG B 26 28.08 5.68 3.03
C ARG B 26 27.68 4.30 3.54
N GLU B 27 27.60 4.13 4.86
CA GLU B 27 27.15 2.84 5.39
C GLU B 27 25.66 2.61 5.11
N ALA B 28 24.86 3.67 5.12
CA ALA B 28 23.42 3.53 4.94
C ALA B 28 22.98 3.54 3.49
N TYR B 29 23.77 4.09 2.58
CA TYR B 29 23.42 4.18 1.16
C TYR B 29 24.48 3.43 0.35
N GLN B 30 24.44 2.10 0.40
CA GLN B 30 25.42 1.30 -0.31
C GLN B 30 24.95 1.01 -1.74
N TYR B 31 25.92 0.86 -2.64
CA TYR B 31 25.62 0.64 -4.04
C TYR B 31 25.31 -0.82 -4.31
N SER B 32 24.35 -1.05 -5.21
CA SER B 32 23.93 -2.38 -5.60
C SER B 32 23.51 -2.33 -7.06
N GLU B 33 23.05 -3.47 -7.57
CA GLU B 33 22.75 -3.58 -9.00
C GLU B 33 21.70 -4.66 -9.20
N THR B 34 20.78 -4.42 -10.12
CA THR B 34 19.81 -5.42 -10.57
C THR B 34 19.86 -5.46 -12.08
N ALA B 35 20.31 -6.59 -12.64
CA ALA B 35 20.43 -6.76 -14.09
C ALA B 35 21.24 -5.64 -14.72
N GLY B 36 22.32 -5.23 -14.05
CA GLY B 36 23.17 -4.18 -14.56
C GLY B 36 22.70 -2.76 -14.27
N ILE B 37 21.56 -2.59 -13.62
CA ILE B 37 21.02 -1.27 -13.31
C ILE B 37 21.42 -0.90 -11.89
N LEU B 38 22.06 0.26 -11.73
CA LEU B 38 22.57 0.71 -10.45
C LEU B 38 21.40 1.10 -9.54
N LEU B 39 21.33 0.45 -8.38
CA LEU B 39 20.29 0.74 -7.41
C LEU B 39 20.94 0.75 -6.02
N ILE B 40 20.11 0.86 -4.99
CA ILE B 40 20.59 0.89 -3.61
C ILE B 40 20.51 -0.51 -3.02
N LYS B 41 21.44 -0.82 -2.13
CA LYS B 41 21.47 -2.14 -1.50
C LYS B 41 20.32 -2.30 -0.50
N THR B 42 20.21 -1.35 0.43
CA THR B 42 19.15 -1.38 1.44
C THR B 42 18.62 0.03 1.62
N LEU B 43 17.31 0.19 1.46
CA LEU B 43 16.69 1.50 1.59
C LEU B 43 16.71 1.93 3.05
N PRO B 44 17.33 3.06 3.39
CA PRO B 44 17.22 3.58 4.76
C PRO B 44 15.78 3.91 5.08
N GLN B 45 15.41 3.70 6.35
CA GLN B 45 14.04 3.98 6.77
C GLN B 45 13.69 5.45 6.58
N SER B 46 14.68 6.34 6.73
CA SER B 46 14.43 7.76 6.50
C SER B 46 14.10 8.05 5.03
N GLU B 47 14.46 7.15 4.12
CA GLU B 47 14.17 7.32 2.70
C GLU B 47 12.90 6.60 2.26
N MET B 48 12.19 5.95 3.19
CA MET B 48 10.95 5.27 2.83
C MET B 48 9.86 6.29 2.50
N PHE B 49 8.79 5.80 1.88
CA PHE B 49 7.61 6.62 1.67
C PHE B 49 7.06 7.08 3.02
N SER B 50 6.46 8.27 3.03
CA SER B 50 5.83 8.77 4.24
C SER B 50 4.47 8.10 4.45
N LEU B 51 3.91 8.31 5.64
CA LEU B 51 2.57 7.81 5.92
C LEU B 51 1.54 8.44 4.99
N LYS B 52 1.62 9.75 4.77
CA LYS B 52 0.72 10.42 3.85
C LYS B 52 0.78 9.79 2.46
N TYR B 53 2.00 9.61 1.94
CA TYR B 53 2.20 8.94 0.66
C TYR B 53 1.50 7.59 0.63
N LEU B 54 1.75 6.76 1.64
CA LEU B 54 1.15 5.44 1.67
C LEU B 54 -0.36 5.51 1.68
N ILE B 55 -0.93 6.48 2.41
CA ILE B 55 -2.38 6.63 2.44
C ILE B 55 -2.91 6.94 1.04
N GLU B 56 -2.24 7.82 0.31
CA GLU B 56 -2.70 8.15 -1.04
C GLU B 56 -2.58 6.94 -1.98
N ARG B 57 -1.43 6.26 -1.95
CA ARG B 57 -1.23 5.10 -2.81
C ARG B 57 -2.26 4.01 -2.52
N ASP B 58 -2.49 3.72 -1.23
CA ASP B 58 -3.52 2.77 -0.85
C ASP B 58 -4.90 3.20 -1.34
N LYS B 59 -5.20 4.50 -1.27
CA LYS B 59 -6.45 5.00 -1.86
C LYS B 59 -6.54 4.62 -3.34
N GLY B 60 -5.44 4.79 -4.07
CA GLY B 60 -5.45 4.40 -5.48
C GLY B 60 -5.78 2.93 -5.67
N LEU B 61 -5.08 2.07 -4.94
CA LEU B 61 -5.27 0.63 -5.13
C LEU B 61 -6.69 0.20 -4.75
N VAL B 62 -7.21 0.72 -3.64
CA VAL B 62 -8.58 0.40 -3.23
C VAL B 62 -9.57 0.89 -4.29
N SER B 63 -9.33 2.08 -4.85
CA SER B 63 -10.16 2.56 -5.95
C SER B 63 -10.12 1.60 -7.13
N LEU B 64 -8.97 0.95 -7.37
CA LEU B 64 -8.90 -0.02 -8.45
C LEU B 64 -9.69 -1.29 -8.10
N ILE B 65 -9.71 -1.69 -6.84
CA ILE B 65 -10.55 -2.81 -6.43
C ILE B 65 -12.02 -2.48 -6.72
N ALA B 66 -12.46 -1.28 -6.32
CA ALA B 66 -13.86 -0.90 -6.53
C ALA B 66 -14.18 -0.83 -8.02
N ASN B 67 -13.31 -0.19 -8.81
CA ASN B 67 -13.54 -0.09 -10.25
C ASN B 67 -13.63 -1.46 -10.89
N THR B 68 -12.77 -2.40 -10.46
CA THR B 68 -12.83 -3.75 -10.99
C THR B 68 -14.13 -4.44 -10.58
N LEU B 69 -14.60 -4.18 -9.36
CA LEU B 69 -15.88 -4.73 -8.93
C LEU B 69 -17.01 -4.23 -9.83
N ALA B 70 -16.99 -2.95 -10.19
CA ALA B 70 -18.03 -2.40 -11.05
C ALA B 70 -17.85 -2.72 -12.52
N SER B 71 -16.72 -3.29 -12.91
CA SER B 71 -16.45 -3.56 -14.31
C SER B 71 -16.90 -4.97 -14.69
N ASN B 72 -17.09 -5.17 -15.99
CA ASN B 72 -17.48 -6.46 -16.56
C ASN B 72 -16.31 -7.21 -17.18
N ILE B 73 -15.11 -6.61 -17.17
CA ILE B 73 -13.94 -7.27 -17.72
C ILE B 73 -13.62 -8.52 -16.90
N GLU B 74 -13.10 -9.56 -17.58
CA GLU B 74 -12.90 -10.86 -16.97
C GLU B 74 -11.42 -11.19 -16.86
N ASN B 75 -11.11 -12.16 -15.99
CA ASN B 75 -9.76 -12.62 -15.75
C ASN B 75 -9.39 -13.75 -16.73
N ILE B 76 -9.45 -13.40 -18.03
CA ILE B 76 -9.22 -14.36 -19.10
C ILE B 76 -8.31 -13.75 -20.16
N PHE B 77 -7.63 -14.62 -20.90
CA PHE B 77 -6.77 -14.22 -22.01
C PHE B 77 -7.50 -14.25 -23.36
N ASP B 78 -8.83 -14.14 -23.35
CA ASP B 78 -9.57 -13.93 -24.58
C ASP B 78 -9.60 -12.45 -24.90
N PRO B 79 -9.77 -12.09 -26.17
CA PRO B 79 -9.98 -10.68 -26.51
C PRO B 79 -11.31 -10.19 -25.96
N PHE B 80 -11.49 -8.88 -25.99
CA PHE B 80 -12.79 -8.32 -25.70
C PHE B 80 -13.79 -8.72 -26.79
N ASP B 81 -15.06 -8.82 -26.41
CA ASP B 81 -16.09 -9.20 -27.38
C ASP B 81 -16.35 -8.08 -28.38
N LYS B 82 -16.36 -6.83 -27.91
CA LYS B 82 -16.60 -5.67 -28.74
C LYS B 82 -15.54 -4.62 -28.47
N LEU B 83 -15.17 -3.86 -29.52
CA LEU B 83 -14.28 -2.73 -29.33
C LEU B 83 -14.84 -1.74 -28.32
N GLU B 84 -16.16 -1.53 -28.34
CA GLU B 84 -16.80 -0.60 -27.42
C GLU B 84 -16.56 -1.00 -25.97
N ASP B 85 -16.30 -2.28 -25.71
CA ASP B 85 -16.03 -2.72 -24.34
C ASP B 85 -14.85 -1.97 -23.74
N PHE B 86 -13.89 -1.55 -24.57
CA PHE B 86 -12.73 -0.83 -24.04
C PHE B 86 -13.15 0.48 -23.39
N GLU B 87 -14.28 1.05 -23.80
CA GLU B 87 -14.75 2.31 -23.21
C GLU B 87 -15.51 2.09 -21.91
N GLU B 88 -15.77 0.83 -21.53
CA GLU B 88 -16.52 0.51 -20.31
C GLU B 88 -15.62 0.02 -19.18
N MET B 89 -14.32 0.29 -19.25
CA MET B 89 -13.37 -0.13 -18.23
C MET B 89 -13.22 0.87 -17.10
N PHE B 90 -13.98 1.98 -17.13
CA PHE B 90 -13.78 3.06 -16.17
C PHE B 90 -15.08 3.48 -15.47
N PRO B 91 -15.86 2.53 -14.94
CA PRO B 91 -17.13 2.92 -14.30
C PRO B 91 -16.95 3.76 -13.04
N LEU B 92 -15.84 3.60 -12.32
CA LEU B 92 -15.60 4.39 -11.12
C LEU B 92 -14.26 5.13 -11.18
N LEU B 93 -13.76 5.41 -12.37
CA LEU B 93 -12.50 6.09 -12.57
C LEU B 93 -12.71 7.23 -13.57
N PRO B 94 -11.83 8.23 -13.57
CA PRO B 94 -11.90 9.26 -14.60
C PRO B 94 -11.76 8.66 -15.98
N LYS B 95 -12.45 9.26 -16.94
CA LYS B 95 -12.35 8.80 -18.32
C LYS B 95 -11.08 9.35 -18.96
N PRO B 96 -10.23 8.51 -19.53
CA PRO B 96 -9.01 9.03 -20.19
C PRO B 96 -9.37 10.02 -21.28
N LEU B 97 -8.64 11.13 -21.32
CA LEU B 97 -9.01 12.25 -22.19
C LEU B 97 -8.99 11.85 -23.67
N VAL B 98 -8.14 10.88 -24.04
CA VAL B 98 -8.01 10.51 -25.45
C VAL B 98 -9.12 9.59 -25.93
N MET B 99 -9.98 9.11 -25.02
CA MET B 99 -10.86 8.00 -25.34
C MET B 99 -11.79 8.33 -26.51
N ASN B 100 -12.38 9.52 -26.52
CA ASN B 100 -13.41 9.82 -27.51
C ASN B 100 -12.83 10.07 -28.89
N THR B 101 -11.62 10.59 -28.99
CA THR B 101 -11.09 11.10 -30.26
C THR B 101 -9.81 10.38 -30.70
N PHE B 102 -9.52 9.19 -30.15
CA PHE B 102 -8.23 8.56 -30.45
C PHE B 102 -8.13 8.09 -31.89
N ARG B 103 -9.24 7.86 -32.59
CA ARG B 103 -9.20 7.43 -33.98
C ARG B 103 -8.77 8.54 -34.93
N ASN B 104 -8.77 9.79 -34.48
CA ASN B 104 -8.51 10.92 -35.36
C ASN B 104 -7.02 11.02 -35.67
N ASP B 105 -6.69 11.20 -36.95
CA ASP B 105 -5.29 11.29 -37.36
C ASP B 105 -4.57 12.41 -36.63
N ARG B 106 -5.24 13.54 -36.42
CA ARG B 106 -4.61 14.65 -35.71
C ARG B 106 -4.38 14.31 -34.24
N VAL B 107 -5.32 13.59 -33.62
CA VAL B 107 -5.13 13.21 -32.22
C VAL B 107 -3.99 12.21 -32.09
N PHE B 108 -3.85 11.32 -33.06
CA PHE B 108 -2.70 10.42 -33.12
C PHE B 108 -1.40 11.20 -33.24
N ALA B 109 -1.35 12.16 -34.18
CA ALA B 109 -0.11 12.88 -34.44
C ALA B 109 0.27 13.79 -33.28
N ARG B 110 -0.71 14.43 -32.63
CA ARG B 110 -0.39 15.40 -31.59
C ARG B 110 0.18 14.75 -30.34
N GLN B 111 0.00 13.44 -30.17
CA GLN B 111 0.65 12.76 -29.07
C GLN B 111 2.17 12.74 -29.22
N ARG B 112 2.68 13.03 -30.43
CA ARG B 112 4.12 13.15 -30.61
C ARG B 112 4.67 14.41 -29.95
N ILE B 113 3.83 15.43 -29.77
CA ILE B 113 4.27 16.71 -29.25
C ILE B 113 3.63 17.06 -27.91
N ALA B 114 2.61 16.32 -27.48
CA ALA B 114 1.90 16.64 -26.25
C ALA B 114 1.38 15.40 -25.54
N GLY B 115 1.76 14.20 -25.98
CA GLY B 115 1.34 12.98 -25.34
C GLY B 115 2.31 12.55 -24.26
N PRO B 116 2.29 11.25 -23.91
CA PRO B 116 3.18 10.78 -22.85
C PRO B 116 4.65 10.74 -23.26
N ASN B 117 4.96 10.59 -24.54
CA ASN B 117 6.34 10.44 -25.00
C ASN B 117 6.64 11.50 -26.06
N PRO B 118 6.78 12.76 -25.66
CA PRO B 118 7.03 13.82 -26.66
C PRO B 118 8.51 13.97 -26.98
N MET B 119 9.21 12.84 -27.07
CA MET B 119 10.67 12.82 -27.10
C MET B 119 11.24 12.14 -28.34
N VAL B 120 10.41 11.73 -29.30
CA VAL B 120 10.82 10.88 -30.40
C VAL B 120 10.86 11.64 -31.72
N ILE B 121 9.84 12.47 -31.98
CA ILE B 121 9.72 13.09 -33.30
C ILE B 121 10.94 13.94 -33.60
N GLU B 122 11.39 13.88 -34.85
CA GLU B 122 12.53 14.67 -35.31
C GLU B 122 12.29 15.14 -36.74
N ARG B 123 12.86 16.30 -37.06
CA ARG B 123 12.68 16.89 -38.37
C ARG B 123 13.57 16.20 -39.40
N VAL B 124 12.98 15.83 -40.53
CA VAL B 124 13.74 15.17 -41.59
C VAL B 124 14.65 16.19 -42.24
N VAL B 125 15.92 15.82 -42.46
CA VAL B 125 16.86 16.62 -43.24
C VAL B 125 17.52 15.68 -44.26
N ASP B 126 17.81 16.22 -45.44
CA ASP B 126 18.46 15.51 -46.55
C ASP B 126 17.54 14.49 -47.21
N LYS B 127 17.15 13.44 -46.48
CA LYS B 127 16.35 12.38 -47.08
C LYS B 127 15.72 11.54 -45.99
N LEU B 128 14.73 10.75 -46.39
CA LEU B 128 14.19 9.71 -45.53
C LEU B 128 15.15 8.54 -45.45
N PRO B 129 15.03 7.68 -44.44
CA PRO B 129 15.83 6.46 -44.41
C PRO B 129 15.61 5.64 -45.67
N ASP B 130 16.69 5.06 -46.18
CA ASP B 130 16.60 4.25 -47.41
C ASP B 130 15.69 3.05 -47.24
N ASN B 131 15.51 2.56 -46.02
CA ASN B 131 14.58 1.46 -45.77
C ASN B 131 13.14 1.93 -45.59
N PHE B 132 12.87 3.21 -45.85
CA PHE B 132 11.53 3.80 -45.75
C PHE B 132 11.20 4.41 -47.10
N PRO B 133 10.88 3.58 -48.11
CA PRO B 133 10.81 4.07 -49.50
C PRO B 133 9.49 4.80 -49.81
N VAL B 134 9.26 5.90 -49.10
CA VAL B 134 8.14 6.78 -49.46
C VAL B 134 8.46 7.46 -50.78
N THR B 135 7.48 7.48 -51.68
CA THR B 135 7.68 8.01 -53.02
C THR B 135 6.97 9.34 -53.20
N ASP B 136 7.37 10.06 -54.25
CA ASP B 136 6.69 11.31 -54.60
C ASP B 136 5.19 11.08 -54.83
N ALA B 137 4.86 9.98 -55.50
CA ALA B 137 3.45 9.70 -55.80
C ALA B 137 2.63 9.54 -54.54
N MET B 138 3.15 8.77 -53.58
CA MET B 138 2.49 8.64 -52.28
C MET B 138 2.26 9.99 -51.63
N PHE B 139 3.36 10.76 -51.45
CA PHE B 139 3.28 12.06 -50.79
C PHE B 139 2.27 12.98 -51.47
N GLN B 140 2.26 12.99 -52.80
CA GLN B 140 1.35 13.88 -53.53
C GLN B 140 -0.10 13.43 -53.38
N LYS B 141 -0.33 12.12 -53.39
CA LYS B 141 -1.69 11.62 -53.20
C LYS B 141 -2.20 11.92 -51.79
N ILE B 142 -1.33 11.81 -50.80
CA ILE B 142 -1.76 12.00 -49.41
C ILE B 142 -1.99 13.48 -49.12
N MET B 143 -1.04 14.32 -49.51
CA MET B 143 -1.13 15.75 -49.24
C MET B 143 -2.01 16.50 -50.22
N PHE B 144 -2.50 15.83 -51.28
CA PHE B 144 -3.22 16.49 -52.37
C PHE B 144 -2.45 17.70 -52.87
N THR B 145 -1.20 17.45 -53.26
CA THR B 145 -0.26 18.50 -53.62
C THR B 145 0.56 18.06 -54.83
N LYS B 146 1.18 19.03 -55.48
CA LYS B 146 2.17 18.75 -56.51
C LYS B 146 3.59 18.81 -55.97
N LYS B 147 3.77 19.23 -54.72
CA LYS B 147 5.10 19.28 -54.12
C LYS B 147 5.69 17.87 -54.02
N THR B 148 7.00 17.79 -54.19
CA THR B 148 7.70 16.52 -54.08
C THR B 148 8.23 16.34 -52.65
N LEU B 149 8.66 15.11 -52.36
CA LEU B 149 9.27 14.84 -51.06
C LEU B 149 10.51 15.68 -50.84
N ALA B 150 11.34 15.84 -51.87
CA ALA B 150 12.57 16.62 -51.72
C ALA B 150 12.27 18.08 -51.42
N GLU B 151 11.22 18.62 -52.04
CA GLU B 151 10.86 20.01 -51.80
C GLU B 151 10.30 20.21 -50.41
N ALA B 152 9.49 19.24 -49.94
CA ALA B 152 8.96 19.31 -48.59
C ALA B 152 10.08 19.21 -47.56
N ILE B 153 11.03 18.31 -47.78
CA ILE B 153 12.16 18.15 -46.87
C ILE B 153 13.02 19.41 -46.86
N ALA B 154 13.26 19.99 -48.04
CA ALA B 154 14.05 21.20 -48.12
C ALA B 154 13.38 22.35 -47.38
N GLN B 155 12.05 22.34 -47.28
CA GLN B 155 11.32 23.36 -46.55
C GLN B 155 11.15 23.03 -45.07
N GLY B 156 11.68 21.90 -44.61
CA GLY B 156 11.51 21.53 -43.21
C GLY B 156 10.10 21.19 -42.83
N LYS B 157 9.32 20.64 -43.75
CA LYS B 157 7.92 20.31 -43.48
C LYS B 157 7.72 18.90 -42.94
N LEU B 158 8.71 18.02 -43.11
CA LEU B 158 8.54 16.61 -42.81
C LEU B 158 9.23 16.24 -41.50
N PHE B 159 8.56 15.41 -40.72
CA PHE B 159 9.06 14.92 -39.44
C PHE B 159 8.88 13.41 -39.41
N ILE B 160 9.62 12.73 -38.54
CA ILE B 160 9.64 11.28 -38.56
C ILE B 160 9.79 10.75 -37.14
N THR B 161 9.15 9.62 -36.86
CA THR B 161 9.44 8.81 -35.70
C THR B 161 9.92 7.44 -36.18
N ASN B 162 11.17 7.12 -35.90
CA ASN B 162 11.81 5.88 -36.34
C ASN B 162 12.07 5.02 -35.10
N TYR B 163 11.25 3.99 -34.91
CA TYR B 163 11.35 3.12 -33.75
C TYR B 163 12.30 1.94 -33.98
N LYS B 164 13.38 2.16 -34.73
CA LYS B 164 14.35 1.10 -35.02
C LYS B 164 14.96 0.54 -33.74
N GLY B 165 14.98 1.32 -32.67
CA GLY B 165 15.51 0.85 -31.40
C GLY B 165 14.80 -0.36 -30.83
N LEU B 166 13.66 -0.74 -31.39
CA LEU B 166 12.92 -1.91 -30.95
C LEU B 166 13.06 -3.09 -31.90
N ALA B 167 13.82 -2.93 -32.98
CA ALA B 167 13.86 -3.94 -34.03
C ALA B 167 14.44 -5.26 -33.54
N GLU B 168 15.29 -5.22 -32.52
CA GLU B 168 15.99 -6.41 -32.05
C GLU B 168 15.34 -7.03 -30.82
N LEU B 169 14.14 -6.60 -30.45
CA LEU B 169 13.47 -7.14 -29.28
C LEU B 169 13.12 -8.61 -29.51
N SER B 170 13.38 -9.44 -28.52
CA SER B 170 12.82 -10.77 -28.51
C SER B 170 11.36 -10.67 -28.08
N PRO B 171 10.41 -11.17 -28.88
CA PRO B 171 9.00 -10.97 -28.55
C PRO B 171 8.63 -11.64 -27.23
N GLY B 172 7.83 -10.93 -26.44
CA GLY B 172 7.41 -11.47 -25.16
C GLY B 172 6.55 -12.71 -25.33
N ARG B 173 6.59 -13.57 -24.32
CA ARG B 173 5.81 -14.81 -24.30
C ARG B 173 4.83 -14.75 -23.13
N TYR B 174 3.65 -15.34 -23.33
CA TYR B 174 2.69 -15.45 -22.24
C TYR B 174 2.00 -16.80 -22.31
N GLU B 175 1.52 -17.27 -21.16
CA GLU B 175 0.95 -18.59 -21.06
C GLU B 175 -0.14 -18.58 -20.00
N TYR B 176 -1.04 -19.55 -20.09
CA TYR B 176 -2.16 -19.60 -19.16
C TYR B 176 -2.81 -20.97 -19.24
N GLN B 177 -3.49 -21.34 -18.16
CA GLN B 177 -4.21 -22.61 -18.09
C GLN B 177 -5.54 -22.48 -18.80
N LYS B 178 -5.78 -23.32 -19.80
CA LYS B 178 -7.08 -23.39 -20.46
C LYS B 178 -7.49 -24.84 -20.58
N ASN B 179 -8.62 -25.18 -19.96
CA ASN B 179 -9.19 -26.52 -20.01
C ASN B 179 -8.15 -27.58 -19.62
N GLY B 180 -7.45 -27.33 -18.52
CA GLY B 180 -6.46 -28.26 -18.02
C GLY B 180 -5.20 -28.39 -18.85
N THR B 181 -5.09 -27.68 -19.97
CA THR B 181 -3.88 -27.70 -20.79
C THR B 181 -3.24 -26.33 -20.79
N LEU B 182 -1.91 -26.31 -20.69
CA LEU B 182 -1.18 -25.05 -20.70
C LEU B 182 -1.07 -24.52 -22.12
N VAL B 183 -1.51 -23.29 -22.32
CA VAL B 183 -1.47 -22.63 -23.63
C VAL B 183 -0.35 -21.60 -23.60
N GLN B 184 0.52 -21.66 -24.61
CA GLN B 184 1.65 -20.75 -24.75
C GLN B 184 1.50 -19.96 -26.03
N LYS B 185 1.69 -18.64 -25.94
CA LYS B 185 1.57 -17.74 -27.07
C LYS B 185 2.69 -16.71 -27.00
N THR B 186 2.84 -15.99 -28.10
CA THR B 186 3.92 -15.04 -28.30
C THR B 186 3.35 -13.71 -28.77
N LYS B 187 3.87 -12.62 -28.21
CA LYS B 187 3.49 -11.29 -28.66
C LYS B 187 4.11 -11.00 -30.02
N THR B 188 3.53 -10.02 -30.71
CA THR B 188 4.03 -9.56 -32.00
C THR B 188 4.68 -8.20 -31.80
N ILE B 189 5.97 -8.11 -32.12
CA ILE B 189 6.70 -6.86 -31.98
C ILE B 189 6.73 -6.16 -33.32
N ALA B 190 7.02 -4.86 -33.28
CA ALA B 190 7.13 -4.05 -34.47
C ALA B 190 8.03 -2.86 -34.18
N ALA B 191 8.72 -2.41 -35.22
CA ALA B 191 9.62 -1.25 -35.15
C ALA B 191 9.30 -0.35 -36.32
N PRO B 192 8.20 0.40 -36.25
CA PRO B 192 7.72 1.14 -37.41
C PRO B 192 8.50 2.43 -37.65
N LEU B 193 8.33 2.96 -38.86
CA LEU B 193 8.71 4.31 -39.23
C LEU B 193 7.44 5.07 -39.58
N VAL B 194 7.27 6.25 -39.00
CA VAL B 194 6.08 7.06 -39.21
C VAL B 194 6.51 8.41 -39.75
N LEU B 195 6.00 8.77 -40.92
CA LEU B 195 6.24 10.05 -41.56
C LEU B 195 5.06 10.98 -41.28
N TYR B 196 5.38 12.15 -40.73
CA TYR B 196 4.47 13.25 -40.47
C TYR B 196 4.85 14.43 -41.34
N ALA B 197 3.87 15.31 -41.56
CA ALA B 197 4.08 16.57 -42.26
C ALA B 197 3.39 17.68 -41.48
N TRP B 198 4.04 18.83 -41.39
CA TRP B 198 3.39 20.02 -40.86
C TRP B 198 2.51 20.62 -41.94
N LYS B 199 1.21 20.68 -41.67
CA LYS B 199 0.25 21.24 -42.62
C LYS B 199 -0.24 22.60 -42.14
N PRO B 200 0.22 23.71 -42.73
CA PRO B 200 -0.13 25.07 -42.32
C PRO B 200 -1.63 25.35 -42.44
N ARG B 207 -3.73 27.54 -36.70
CA ARG B 207 -4.57 26.66 -37.50
C ARG B 207 -3.78 25.48 -38.04
N GLY B 208 -2.46 25.66 -38.13
CA GLY B 208 -1.61 24.61 -38.65
C GLY B 208 -1.51 23.42 -37.72
N SER B 209 -1.38 22.24 -38.30
CA SER B 209 -1.40 21.00 -37.53
C SER B 209 -0.39 20.01 -38.08
N LEU B 210 0.14 19.19 -37.19
CA LEU B 210 0.97 18.06 -37.57
C LEU B 210 0.06 16.93 -38.03
N ALA B 211 0.40 16.33 -39.18
CA ALA B 211 -0.47 15.30 -39.74
C ALA B 211 0.33 14.06 -40.10
N PRO B 212 -0.21 12.87 -39.81
CA PRO B 212 0.50 11.63 -40.17
C PRO B 212 0.37 11.35 -41.67
N ILE B 213 1.50 11.01 -42.30
CA ILE B 213 1.57 10.81 -43.74
C ILE B 213 1.70 9.33 -44.09
N ALA B 214 2.64 8.63 -43.45
CA ALA B 214 2.86 7.24 -43.84
C ALA B 214 3.34 6.44 -42.64
N ILE B 215 3.06 5.12 -42.67
CA ILE B 215 3.50 4.22 -41.62
C ILE B 215 3.99 2.93 -42.27
N GLN B 216 5.25 2.59 -42.03
CA GLN B 216 5.79 1.28 -42.35
C GLN B 216 5.96 0.53 -41.02
N ILE B 217 5.25 -0.58 -40.87
CA ILE B 217 5.13 -1.20 -39.55
C ILE B 217 6.46 -1.82 -39.10
N ASN B 218 7.27 -2.31 -40.03
CA ASN B 218 8.56 -2.90 -39.68
C ASN B 218 9.66 -2.26 -40.51
N GLN B 219 10.91 -2.55 -40.11
CA GLN B 219 12.07 -1.81 -40.60
C GLN B 219 12.48 -2.18 -42.02
N GLN B 220 12.29 -3.43 -42.43
CA GLN B 220 12.74 -3.87 -43.75
C GLN B 220 11.58 -3.84 -44.73
N PRO B 221 11.64 -3.01 -45.76
CA PRO B 221 10.48 -2.81 -46.63
C PRO B 221 10.22 -3.99 -47.54
N ASP B 222 8.94 -4.19 -47.86
CA ASP B 222 8.50 -5.12 -48.89
C ASP B 222 7.12 -4.71 -49.37
N PRO B 223 6.90 -4.59 -50.68
CA PRO B 223 5.62 -4.04 -51.16
C PRO B 223 4.41 -4.88 -50.81
N ILE B 224 4.59 -6.15 -50.44
CA ILE B 224 3.48 -7.05 -50.12
C ILE B 224 3.41 -7.36 -48.63
N THR B 225 4.53 -7.76 -48.03
CA THR B 225 4.51 -8.24 -46.66
C THR B 225 4.79 -7.15 -45.62
N ASN B 226 5.35 -6.01 -46.03
CA ASN B 226 5.60 -4.89 -45.11
C ASN B 226 5.49 -3.59 -45.89
N PRO B 227 4.29 -3.27 -46.37
CA PRO B 227 4.13 -2.11 -47.25
C PRO B 227 4.03 -0.83 -46.45
N ILE B 228 4.04 0.28 -47.18
CA ILE B 228 3.84 1.59 -46.59
C ILE B 228 2.35 1.89 -46.61
N TYR B 229 1.76 2.00 -45.42
CA TYR B 229 0.35 2.35 -45.28
C TYR B 229 0.20 3.86 -45.20
N THR B 230 -0.92 4.35 -45.71
CA THR B 230 -1.26 5.77 -45.72
C THR B 230 -2.70 5.93 -45.26
N PRO B 231 -3.12 7.16 -44.96
CA PRO B 231 -4.53 7.39 -44.59
C PRO B 231 -5.54 6.90 -45.63
N ARG B 232 -5.11 6.62 -46.87
CA ARG B 232 -6.03 6.12 -47.89
C ARG B 232 -6.38 4.65 -47.71
N ASP B 233 -5.76 3.95 -46.75
CA ASP B 233 -5.91 2.51 -46.62
C ASP B 233 -6.91 2.12 -45.53
N GLY B 234 -7.79 3.05 -45.16
CA GLY B 234 -8.92 2.74 -44.30
C GLY B 234 -8.54 2.03 -43.04
N LYS B 235 -9.23 0.90 -42.77
CA LYS B 235 -8.98 0.14 -41.56
C LYS B 235 -7.51 -0.26 -41.44
N HIS B 236 -6.88 -0.62 -42.57
CA HIS B 236 -5.46 -0.97 -42.52
C HIS B 236 -4.64 0.17 -41.91
N TRP B 237 -4.89 1.40 -42.39
CA TRP B 237 -4.27 2.57 -41.77
C TRP B 237 -4.49 2.57 -40.26
N PHE B 238 -5.76 2.41 -39.84
CA PHE B 238 -6.07 2.33 -38.43
C PHE B 238 -5.15 1.35 -37.72
N ILE B 239 -5.09 0.11 -38.25
CA ILE B 239 -4.29 -0.91 -37.59
C ILE B 239 -2.83 -0.48 -37.55
N ALA B 240 -2.34 0.10 -38.65
CA ALA B 240 -0.97 0.59 -38.67
C ALA B 240 -0.72 1.51 -37.49
N LYS B 241 -1.60 2.49 -37.29
CA LYS B 241 -1.42 3.42 -36.18
C LYS B 241 -1.32 2.68 -34.86
N ILE B 242 -2.16 1.66 -34.66
CA ILE B 242 -2.10 0.88 -33.42
C ILE B 242 -0.67 0.42 -33.17
N PHE B 243 -0.07 -0.24 -34.17
CA PHE B 243 1.29 -0.73 -34.01
C PHE B 243 2.25 0.41 -33.72
N ALA B 244 2.11 1.51 -34.47
CA ALA B 244 2.93 2.68 -34.19
C ALA B 244 2.79 3.10 -32.74
N GLN B 245 1.53 3.22 -32.28
CA GLN B 245 1.29 3.61 -30.90
C GLN B 245 1.94 2.63 -29.94
N MET B 246 1.81 1.34 -30.22
CA MET B 246 2.45 0.34 -29.38
C MET B 246 3.94 0.61 -29.26
N ALA B 247 4.59 0.85 -30.40
CA ALA B 247 6.00 1.16 -30.39
C ALA B 247 6.27 2.39 -29.51
N ASP B 248 5.49 3.46 -29.71
CA ASP B 248 5.70 4.67 -28.94
C ASP B 248 5.52 4.40 -27.46
N GLY B 249 4.64 3.46 -27.11
CA GLY B 249 4.48 3.11 -25.71
C GLY B 249 5.72 2.42 -25.16
N ASN B 250 6.26 1.47 -25.92
CA ASN B 250 7.40 0.70 -25.41
C ASN B 250 8.64 1.57 -25.28
N CYS B 251 8.87 2.46 -26.24
CA CYS B 251 9.93 3.44 -26.07
C CYS B 251 9.63 4.39 -24.94
N HIS B 252 8.35 4.69 -24.70
CA HIS B 252 8.00 5.59 -23.61
C HIS B 252 8.41 5.01 -22.27
N GLU B 253 7.95 3.79 -21.97
CA GLU B 253 8.18 3.23 -20.65
C GLU B 253 9.64 2.83 -20.46
N ALA B 254 10.23 2.19 -21.47
CA ALA B 254 11.60 1.72 -21.32
C ALA B 254 12.60 2.88 -21.35
N ILE B 255 12.48 3.77 -22.33
CA ILE B 255 13.49 4.79 -22.59
C ILE B 255 13.15 6.09 -21.86
N SER B 256 11.98 6.67 -22.17
CA SER B 256 11.67 8.01 -21.72
C SER B 256 11.31 8.05 -20.24
N HIS B 257 10.59 7.04 -19.74
CA HIS B 257 10.09 7.08 -18.37
C HIS B 257 11.06 6.41 -17.40
N LEU B 258 11.21 5.08 -17.50
CA LEU B 258 12.03 4.35 -16.54
C LEU B 258 13.50 4.73 -16.64
N ALA B 259 14.07 4.65 -17.84
CA ALA B 259 15.51 4.89 -17.98
C ALA B 259 15.86 6.34 -17.72
N ARG B 260 15.24 7.27 -18.43
CA ARG B 260 15.75 8.64 -18.48
C ARG B 260 15.04 9.59 -17.54
N THR B 261 14.32 9.07 -16.55
CA THR B 261 13.95 9.86 -15.38
C THR B 261 14.31 9.05 -14.14
N HIS B 262 13.51 8.03 -13.83
CA HIS B 262 13.69 7.23 -12.62
C HIS B 262 15.14 6.77 -12.45
N LEU B 263 15.66 6.03 -13.43
CA LEU B 263 16.88 5.26 -13.19
C LEU B 263 18.15 6.08 -13.35
N ILE B 264 18.16 7.08 -14.24
CA ILE B 264 19.35 7.94 -14.32
C ILE B 264 19.45 8.90 -13.15
N LEU B 265 18.43 8.99 -12.31
CA LEU B 265 18.51 9.83 -11.12
C LEU B 265 19.17 9.09 -9.96
N GLU B 266 19.05 7.77 -9.92
CA GLU B 266 19.59 6.96 -8.83
C GLU B 266 21.05 7.26 -8.53
N PRO B 267 21.97 7.29 -9.50
CA PRO B 267 23.37 7.58 -9.15
C PRO B 267 23.55 8.96 -8.54
N PHE B 268 22.71 9.93 -8.88
CA PHE B 268 22.86 11.26 -8.29
C PHE B 268 22.42 11.28 -6.84
N VAL B 269 21.31 10.60 -6.52
CA VAL B 269 20.90 10.45 -5.13
C VAL B 269 21.99 9.76 -4.33
N LEU B 270 22.47 8.61 -4.83
CA LEU B 270 23.45 7.84 -4.09
C LEU B 270 24.77 8.58 -3.93
N ALA B 271 25.19 9.31 -4.97
CA ALA B 271 26.42 10.10 -4.87
C ALA B 271 26.26 11.22 -3.87
N THR B 272 25.08 11.87 -3.86
CA THR B 272 24.82 12.92 -2.89
C THR B 272 24.93 12.39 -1.46
N ALA B 273 24.38 11.19 -1.21
CA ALA B 273 24.51 10.60 0.12
C ALA B 273 25.95 10.18 0.42
N ASN B 274 26.65 9.66 -0.58
CA ASN B 274 27.96 9.05 -0.35
C ASN B 274 29.09 10.05 -0.28
N GLU B 275 28.90 11.30 -0.72
CA GLU B 275 30.01 12.23 -0.78
C GLU B 275 29.74 13.60 -0.19
N LEU B 276 28.48 14.01 -0.01
CA LEU B 276 28.17 15.35 0.48
C LEU B 276 27.69 15.29 1.92
N ALA B 277 28.25 16.17 2.75
CA ALA B 277 27.81 16.29 4.13
C ALA B 277 26.38 16.83 4.20
N PRO B 278 25.66 16.58 5.30
CA PRO B 278 24.27 17.07 5.39
C PRO B 278 24.14 18.57 5.23
N ASN B 279 25.14 19.34 5.68
CA ASN B 279 25.12 20.79 5.53
C ASN B 279 25.93 21.24 4.32
N HIS B 280 26.12 20.39 3.33
CA HIS B 280 26.74 20.86 2.09
C HIS B 280 25.68 21.56 1.24
N PRO B 281 25.97 22.75 0.71
CA PRO B 281 24.92 23.51 -0.01
C PRO B 281 24.31 22.76 -1.17
N LEU B 282 25.10 21.95 -1.89
CA LEU B 282 24.55 21.19 -3.01
C LEU B 282 23.64 20.07 -2.52
N SER B 283 24.01 19.40 -1.43
CA SER B 283 23.14 18.39 -0.85
C SER B 283 21.82 19.02 -0.42
N VAL B 284 21.89 20.16 0.29
CA VAL B 284 20.69 20.86 0.73
C VAL B 284 19.84 21.28 -0.48
N LEU B 285 20.50 21.66 -1.58
CA LEU B 285 19.76 22.06 -2.77
C LEU B 285 19.05 20.89 -3.41
N LEU B 286 19.72 19.75 -3.54
CA LEU B 286 19.21 18.67 -4.38
C LEU B 286 18.26 17.75 -3.64
N LYS B 287 18.48 17.52 -2.34
CA LYS B 287 17.73 16.48 -1.64
C LYS B 287 16.21 16.67 -1.67
N PRO B 288 15.65 17.89 -1.61
CA PRO B 288 14.20 18.01 -1.80
C PRO B 288 13.72 17.43 -3.12
N HIS B 289 14.56 17.43 -4.15
CA HIS B 289 14.19 16.90 -5.46
C HIS B 289 14.53 15.42 -5.61
N PHE B 290 15.01 14.79 -4.53
CA PHE B 290 15.21 13.35 -4.47
C PHE B 290 14.19 12.66 -3.55
N GLN B 291 13.21 13.40 -3.04
CA GLN B 291 12.31 12.82 -2.05
C GLN B 291 11.52 11.66 -2.65
N PHE B 292 11.59 10.51 -1.97
CA PHE B 292 10.94 9.26 -2.36
C PHE B 292 11.50 8.64 -3.64
N THR B 293 12.57 9.20 -4.19
CA THR B 293 13.11 8.70 -5.45
C THR B 293 13.70 7.30 -5.29
N LEU B 294 14.55 7.11 -4.28
CA LEU B 294 15.09 5.78 -4.01
C LEU B 294 13.98 4.77 -3.78
N ALA B 295 12.95 5.16 -3.02
CA ALA B 295 11.88 4.23 -2.68
C ALA B 295 11.05 3.86 -3.90
N ILE B 296 10.65 4.86 -4.70
CA ILE B 296 9.89 4.56 -5.92
C ILE B 296 10.72 3.74 -6.89
N ASN B 297 12.05 3.90 -6.86
CA ASN B 297 12.89 3.07 -7.71
C ASN B 297 13.01 1.65 -7.16
N GLU B 298 12.90 1.48 -5.84
CA GLU B 298 12.80 0.13 -5.29
C GLU B 298 11.49 -0.52 -5.68
N LEU B 299 10.39 0.24 -5.70
CA LEU B 299 9.14 -0.33 -6.22
C LEU B 299 9.25 -0.62 -7.70
N ALA B 300 10.06 0.14 -8.44
CA ALA B 300 10.29 -0.19 -9.84
C ALA B 300 11.05 -1.49 -9.98
N ARG B 301 12.06 -1.70 -9.11
CA ARG B 301 12.78 -2.95 -9.10
C ARG B 301 11.86 -4.12 -8.77
N GLU B 302 11.00 -3.95 -7.76
CA GLU B 302 10.23 -5.05 -7.19
C GLU B 302 9.00 -5.40 -8.03
N GLN B 303 8.30 -4.40 -8.57
CA GLN B 303 6.99 -4.60 -9.16
C GLN B 303 6.92 -4.32 -10.65
N LEU B 304 7.87 -3.58 -11.21
CA LEU B 304 7.84 -3.22 -12.62
C LEU B 304 8.80 -4.06 -13.45
N ILE B 305 10.10 -4.02 -13.15
CA ILE B 305 11.10 -4.71 -13.95
C ILE B 305 11.50 -6.05 -13.34
N SER B 306 10.69 -6.59 -12.44
CA SER B 306 10.93 -7.90 -11.88
C SER B 306 10.22 -8.97 -12.71
N ALA B 307 10.61 -10.23 -12.49
CA ALA B 307 9.93 -11.33 -13.15
C ALA B 307 8.49 -11.41 -12.68
N GLY B 308 7.55 -11.55 -13.62
CA GLY B 308 6.13 -11.53 -13.32
C GLY B 308 5.54 -10.15 -13.12
N GLY B 309 6.35 -9.10 -13.12
CA GLY B 309 5.85 -7.76 -12.90
C GLY B 309 5.16 -7.17 -14.12
N TYR B 310 5.01 -5.84 -14.08
CA TYR B 310 4.27 -5.16 -15.14
C TYR B 310 5.03 -5.17 -16.46
N ALA B 311 6.34 -4.97 -16.44
CA ALA B 311 7.08 -4.96 -17.71
C ALA B 311 7.05 -6.33 -18.38
N ASP B 312 7.17 -7.39 -17.57
CA ASP B 312 7.03 -8.75 -18.11
C ASP B 312 5.64 -8.95 -18.70
N ASP B 313 4.60 -8.56 -17.97
CA ASP B 313 3.23 -8.83 -18.39
C ASP B 313 2.85 -8.06 -19.65
N LEU B 314 3.23 -6.79 -19.72
CA LEU B 314 2.58 -5.83 -20.63
C LEU B 314 3.41 -5.44 -21.84
N LEU B 315 4.74 -5.34 -21.73
CA LEU B 315 5.53 -4.78 -22.81
C LEU B 315 5.64 -5.74 -23.99
N ALA B 316 6.19 -5.23 -25.09
CA ALA B 316 6.25 -6.01 -26.33
C ALA B 316 7.26 -7.14 -26.24
N GLY B 317 8.44 -6.86 -25.67
CA GLY B 317 9.48 -7.86 -25.61
C GLY B 317 9.49 -8.65 -24.32
N THR B 318 10.35 -9.66 -24.28
CA THR B 318 10.61 -10.35 -23.03
C THR B 318 11.20 -9.37 -22.01
N LEU B 319 11.17 -9.76 -20.74
CA LEU B 319 11.75 -8.91 -19.70
C LEU B 319 13.22 -8.62 -19.98
N GLU B 320 13.95 -9.63 -20.46
CA GLU B 320 15.37 -9.45 -20.78
C GLU B 320 15.55 -8.42 -21.89
N ALA B 321 14.70 -8.46 -22.90
CA ALA B 321 14.81 -7.51 -24.01
C ALA B 321 14.51 -6.09 -23.55
N SER B 322 13.42 -5.91 -22.80
CA SER B 322 13.09 -4.60 -22.25
C SER B 322 14.22 -4.07 -21.40
N ILE B 323 14.82 -4.93 -20.56
CA ILE B 323 15.93 -4.51 -19.71
C ILE B 323 17.11 -4.08 -20.56
N ALA B 324 17.39 -4.81 -21.65
CA ALA B 324 18.44 -4.40 -22.56
C ALA B 324 18.19 -2.98 -23.09
N VAL B 325 16.94 -2.71 -23.51
CA VAL B 325 16.60 -1.38 -24.01
C VAL B 325 16.82 -0.32 -22.94
N ILE B 326 16.37 -0.60 -21.71
CA ILE B 326 16.53 0.34 -20.60
C ILE B 326 17.99 0.65 -20.38
N LYS B 327 18.83 -0.38 -20.31
CA LYS B 327 20.25 -0.16 -20.03
C LYS B 327 20.93 0.61 -21.15
N ALA B 328 20.57 0.33 -22.40
CA ALA B 328 21.14 1.09 -23.51
C ALA B 328 20.75 2.56 -23.42
N ALA B 329 19.49 2.85 -23.08
CA ALA B 329 19.05 4.23 -22.93
C ALA B 329 19.80 4.94 -21.81
N ILE B 330 19.96 4.26 -20.66
CA ILE B 330 20.72 4.82 -19.55
C ILE B 330 22.14 5.14 -19.99
N LYS B 331 22.80 4.18 -20.64
CA LYS B 331 24.20 4.37 -21.01
C LYS B 331 24.37 5.52 -21.99
N GLU B 332 23.47 5.63 -22.99
CA GLU B 332 23.58 6.75 -23.91
C GLU B 332 23.36 8.08 -23.21
N TYR B 333 22.40 8.12 -22.27
CA TYR B 333 22.17 9.35 -21.51
C TYR B 333 23.40 9.74 -20.69
N MET B 334 23.96 8.80 -19.93
CA MET B 334 25.07 9.12 -19.04
C MET B 334 26.32 9.48 -19.83
N ASP B 335 26.60 8.75 -20.91
CA ASP B 335 27.79 9.04 -21.71
C ASP B 335 27.74 10.42 -22.34
N ASN B 336 26.54 10.95 -22.55
CA ASN B 336 26.33 12.25 -23.20
C ASN B 336 25.47 13.15 -22.32
N PHE B 337 25.75 13.16 -21.01
CA PHE B 337 24.86 13.80 -20.04
C PHE B 337 24.53 15.24 -20.42
N THR B 338 25.56 16.07 -20.60
CA THR B 338 25.33 17.48 -20.92
C THR B 338 24.51 17.64 -22.19
N GLU B 339 24.68 16.74 -23.17
CA GLU B 339 23.95 16.83 -24.42
C GLU B 339 22.47 16.52 -24.28
N PHE B 340 22.02 16.05 -23.12
CA PHE B 340 20.61 15.78 -22.88
C PHE B 340 19.92 16.88 -22.07
N ALA B 341 20.62 17.97 -21.79
CA ALA B 341 19.95 19.20 -21.36
C ALA B 341 18.87 19.56 -22.36
N LEU B 342 17.74 20.04 -21.85
CA LEU B 342 16.55 20.27 -22.67
C LEU B 342 16.82 21.01 -23.98
N PRO B 343 17.48 22.17 -24.00
CA PRO B 343 17.69 22.86 -25.30
C PRO B 343 18.52 22.07 -26.28
N ARG B 344 19.61 21.44 -25.81
CA ARG B 344 20.44 20.63 -26.71
C ARG B 344 19.67 19.40 -27.20
N GLU B 345 18.90 18.77 -26.31
CA GLU B 345 18.12 17.60 -26.71
C GLU B 345 17.10 17.97 -27.78
N LEU B 346 16.41 19.10 -27.61
CA LEU B 346 15.45 19.54 -28.62
C LEU B 346 16.14 19.89 -29.93
N ALA B 347 17.30 20.55 -29.85
CA ALA B 347 18.01 20.94 -31.07
C ALA B 347 18.52 19.72 -31.84
N ARG B 348 18.95 18.68 -31.12
CA ARG B 348 19.48 17.49 -31.78
C ARG B 348 18.41 16.78 -32.62
N ARG B 349 17.14 16.91 -32.23
CA ARG B 349 16.05 16.38 -33.03
C ARG B 349 15.51 17.39 -34.05
N GLY B 350 16.13 18.55 -34.17
CA GLY B 350 15.67 19.56 -35.11
C GLY B 350 14.38 20.23 -34.74
N VAL B 351 14.02 20.23 -33.46
CA VAL B 351 12.75 20.82 -33.02
C VAL B 351 13.00 21.78 -31.87
N GLY B 352 14.22 22.31 -31.79
CA GLY B 352 14.52 23.33 -30.80
C GLY B 352 13.95 24.68 -31.18
N ILE B 353 14.08 25.63 -30.26
CA ILE B 353 13.53 26.96 -30.50
C ILE B 353 14.31 27.71 -31.57
N GLY B 354 15.55 27.32 -31.83
CA GLY B 354 16.34 27.89 -32.90
C GLY B 354 16.13 27.25 -34.26
N ASP B 355 15.31 26.20 -34.33
CA ASP B 355 15.00 25.53 -35.60
C ASP B 355 13.85 26.27 -36.27
N VAL B 356 14.20 27.34 -36.98
CA VAL B 356 13.22 28.23 -37.58
C VAL B 356 13.42 28.28 -39.10
N ASP B 357 12.37 28.68 -39.80
CA ASP B 357 12.43 28.80 -41.26
C ASP B 357 13.06 30.14 -41.63
N GLN B 358 12.93 30.53 -42.89
CA GLN B 358 13.47 31.81 -43.34
C GLN B 358 12.74 32.98 -42.68
N ARG B 359 11.46 32.82 -42.37
CA ARG B 359 10.68 33.86 -41.72
C ARG B 359 10.96 33.98 -40.23
N GLY B 360 11.76 33.10 -39.66
CA GLY B 360 11.96 33.05 -38.23
C GLY B 360 10.92 32.24 -37.47
N GLU B 361 10.00 31.59 -38.18
CA GLU B 361 9.00 30.74 -37.56
C GLU B 361 9.54 29.32 -37.42
N ASN B 362 9.27 28.70 -36.27
CA ASN B 362 9.74 27.35 -36.01
C ASN B 362 9.13 26.37 -37.02
N PHE B 363 9.93 25.39 -37.44
CA PHE B 363 9.42 24.38 -38.36
C PHE B 363 8.28 23.58 -37.74
N LEU B 364 8.26 23.48 -36.40
CA LEU B 364 7.20 22.81 -35.65
C LEU B 364 6.63 23.82 -34.68
N PRO B 365 5.70 24.68 -35.14
CA PRO B 365 5.22 25.77 -34.27
C PRO B 365 4.42 25.29 -33.07
N ASP B 366 3.73 24.17 -33.19
CA ASP B 366 2.90 23.64 -32.10
C ASP B 366 3.70 22.53 -31.42
N TYR B 367 4.23 22.82 -30.24
CA TYR B 367 5.03 21.85 -29.48
C TYR B 367 4.91 22.20 -27.99
N PRO B 368 3.78 21.85 -27.37
CA PRO B 368 3.54 22.29 -25.99
C PRO B 368 4.61 21.84 -25.01
N TYR B 369 5.07 20.59 -25.11
CA TYR B 369 6.14 20.11 -24.23
C TYR B 369 7.37 21.00 -24.33
N ARG B 370 7.75 21.37 -25.56
CA ARG B 370 8.93 22.20 -25.74
C ARG B 370 8.77 23.55 -25.05
N ASP B 371 7.67 24.25 -25.33
CA ASP B 371 7.51 25.61 -24.80
C ASP B 371 7.43 25.61 -23.28
N ASP B 372 6.49 24.82 -22.73
CA ASP B 372 6.31 24.81 -21.28
C ASP B 372 7.56 24.28 -20.58
N ALA B 373 8.15 23.20 -21.09
CA ALA B 373 9.37 22.67 -20.49
C ALA B 373 10.51 23.68 -20.57
N MET B 374 10.55 24.50 -21.62
CA MET B 374 11.57 25.54 -21.69
C MET B 374 11.36 26.59 -20.59
N LEU B 375 10.11 26.96 -20.35
CA LEU B 375 9.82 27.86 -19.23
C LEU B 375 10.35 27.28 -17.92
N LEU B 376 9.99 26.02 -17.64
CA LEU B 376 10.43 25.40 -16.38
C LEU B 376 11.95 25.28 -16.33
N TRP B 377 12.58 24.97 -17.47
CA TRP B 377 14.03 24.82 -17.51
C TRP B 377 14.73 26.13 -17.16
N ASN B 378 14.31 27.24 -17.81
CA ASN B 378 14.98 28.51 -17.55
C ASN B 378 14.73 28.97 -16.11
N ALA B 379 13.50 28.80 -15.61
CA ALA B 379 13.23 29.17 -14.21
C ALA B 379 14.11 28.39 -13.25
N ILE B 380 14.23 27.07 -13.46
CA ILE B 380 15.09 26.25 -12.61
C ILE B 380 16.53 26.73 -12.72
N GLU B 381 16.99 27.03 -13.93
CA GLU B 381 18.37 27.48 -14.12
C GLU B 381 18.66 28.74 -13.31
N VAL B 382 17.76 29.74 -13.37
CA VAL B 382 17.94 30.94 -12.55
C VAL B 382 17.96 30.57 -11.07
N TYR B 383 17.07 29.67 -10.66
CA TYR B 383 17.00 29.24 -9.27
C TYR B 383 18.34 28.70 -8.79
N VAL B 384 18.90 27.70 -9.48
CA VAL B 384 20.11 27.09 -8.96
C VAL B 384 21.31 28.01 -9.17
N ARG B 385 21.27 28.90 -10.16
CA ARG B 385 22.38 29.83 -10.34
C ARG B 385 22.47 30.80 -9.17
N ASP B 386 21.34 31.40 -8.78
CA ASP B 386 21.35 32.32 -7.65
C ASP B 386 21.66 31.57 -6.34
N TYR B 387 21.00 30.43 -6.12
CA TYR B 387 21.29 29.63 -4.93
C TYR B 387 22.77 29.32 -4.82
N LEU B 388 23.36 28.75 -5.88
CA LEU B 388 24.77 28.38 -5.83
C LEU B 388 25.66 29.61 -5.74
N SER B 389 25.18 30.75 -6.26
CA SER B 389 25.92 32.00 -6.10
C SER B 389 26.00 32.43 -4.63
N LEU B 390 25.01 32.04 -3.82
CA LEU B 390 25.09 32.31 -2.39
C LEU B 390 26.34 31.69 -1.77
N TYR B 391 26.84 30.58 -2.32
CA TYR B 391 27.91 29.83 -1.68
C TYR B 391 29.19 29.72 -2.51
N TYR B 392 29.10 29.76 -3.83
CA TYR B 392 30.26 29.74 -4.71
C TYR B 392 30.35 31.08 -5.42
N GLN B 393 31.47 31.77 -5.23
CA GLN B 393 31.75 33.01 -5.95
C GLN B 393 32.95 32.92 -6.88
N SER B 394 33.95 32.12 -6.54
CA SER B 394 35.14 31.95 -7.35
C SER B 394 35.33 30.50 -7.74
N PRO B 395 35.74 30.21 -8.98
CA PRO B 395 35.99 28.82 -9.39
C PRO B 395 36.93 28.05 -8.46
N VAL B 396 37.77 28.76 -7.71
CA VAL B 396 38.66 28.09 -6.78
C VAL B 396 37.87 27.44 -5.65
N GLN B 397 36.74 28.03 -5.27
CA GLN B 397 35.90 27.41 -4.24
C GLN B 397 35.25 26.13 -4.77
N ILE B 398 34.87 26.12 -6.04
CA ILE B 398 34.45 24.89 -6.70
C ILE B 398 35.58 23.87 -6.64
N ARG B 399 36.79 24.28 -7.00
CA ARG B 399 37.90 23.33 -7.14
C ARG B 399 38.39 22.82 -5.80
N GLN B 400 38.27 23.62 -4.74
CA GLN B 400 38.78 23.23 -3.43
C GLN B 400 37.69 22.64 -2.53
N ASP B 401 36.49 22.41 -3.06
CA ASP B 401 35.44 21.70 -2.34
C ASP B 401 35.70 20.21 -2.50
N THR B 402 36.35 19.61 -1.50
CA THR B 402 36.74 18.21 -1.61
C THR B 402 35.51 17.31 -1.70
N GLU B 403 34.43 17.65 -1.01
CA GLU B 403 33.22 16.84 -1.07
C GLU B 403 32.58 16.89 -2.45
N LEU B 404 32.52 18.07 -3.06
CA LEU B 404 32.00 18.20 -4.41
C LEU B 404 32.85 17.42 -5.42
N GLN B 405 34.18 17.49 -5.27
CA GLN B 405 35.07 16.77 -6.16
C GLN B 405 34.89 15.26 -6.02
N ASN B 406 34.73 14.78 -4.78
CA ASN B 406 34.42 13.36 -4.59
C ASN B 406 33.05 12.99 -5.15
N TRP B 407 32.12 13.94 -5.11
CA TRP B 407 30.80 13.73 -5.70
C TRP B 407 30.92 13.46 -7.21
N VAL B 408 31.62 14.35 -7.91
CA VAL B 408 31.86 14.16 -9.34
C VAL B 408 32.58 12.84 -9.59
N ARG B 409 33.67 12.59 -8.85
CA ARG B 409 34.47 11.38 -9.07
C ARG B 409 33.64 10.12 -8.87
N ARG B 410 32.77 10.12 -7.85
CA ARG B 410 31.86 9.00 -7.66
C ARG B 410 30.92 8.85 -8.86
N LEU B 411 30.40 9.97 -9.37
CA LEU B 411 29.44 9.86 -10.46
C LEU B 411 30.07 9.32 -11.74
N VAL B 412 31.27 9.77 -12.10
CA VAL B 412 31.81 9.27 -13.36
C VAL B 412 32.45 7.89 -13.21
N SER B 413 32.72 7.45 -11.98
CA SER B 413 33.35 6.15 -11.78
C SER B 413 32.43 5.04 -12.29
N PRO B 414 33.00 3.91 -12.73
CA PRO B 414 32.16 2.85 -13.31
C PRO B 414 31.18 2.23 -12.33
N GLU B 415 31.48 2.25 -11.03
CA GLU B 415 30.59 1.68 -10.02
C GLU B 415 29.73 2.73 -9.32
N GLY B 416 29.86 4.00 -9.69
CA GLY B 416 29.03 5.06 -9.16
C GLY B 416 28.06 5.69 -10.13
N GLY B 417 27.84 5.11 -11.30
CA GLY B 417 26.90 5.66 -12.25
C GLY B 417 27.45 5.75 -13.66
N ARG B 418 28.78 5.82 -13.78
CA ARG B 418 29.46 5.84 -15.06
C ARG B 418 29.00 7.02 -15.91
N VAL B 419 28.82 8.18 -15.27
CA VAL B 419 28.39 9.37 -15.98
C VAL B 419 29.60 10.02 -16.64
N THR B 420 30.11 9.38 -17.71
CA THR B 420 31.32 9.85 -18.37
C THR B 420 31.11 11.17 -19.10
N GLY B 421 29.88 11.56 -19.39
CA GLY B 421 29.60 12.84 -20.00
C GLY B 421 29.30 13.96 -19.03
N LEU B 422 29.58 13.77 -17.74
CA LEU B 422 29.16 14.74 -16.74
C LEU B 422 30.01 16.01 -16.79
N VAL B 423 31.29 15.90 -17.11
CA VAL B 423 32.22 16.99 -16.83
C VAL B 423 33.26 17.07 -17.96
N SER B 424 33.79 18.27 -18.17
CA SER B 424 34.86 18.51 -19.13
C SER B 424 36.21 18.48 -18.44
N ASN B 425 37.25 18.20 -19.23
CA ASN B 425 38.65 18.20 -18.79
C ASN B 425 38.89 17.24 -17.63
N GLY B 426 38.00 16.27 -17.42
CA GLY B 426 38.15 15.30 -16.35
C GLY B 426 37.92 15.83 -14.96
N GLU B 427 37.38 17.04 -14.82
CA GLU B 427 37.31 17.67 -13.51
C GLU B 427 36.28 18.80 -13.56
N LEU B 428 35.54 18.97 -12.45
CA LEU B 428 34.64 20.10 -12.32
C LEU B 428 35.43 21.30 -11.81
N ASN B 429 35.38 22.41 -12.55
CA ASN B 429 36.21 23.56 -12.23
C ASN B 429 35.48 24.89 -12.19
N THR B 430 34.26 24.99 -12.71
CA THR B 430 33.57 26.28 -12.81
C THR B 430 32.22 26.20 -12.12
N ILE B 431 31.73 27.36 -11.71
CA ILE B 431 30.40 27.45 -11.11
C ILE B 431 29.33 27.16 -12.15
N GLU B 432 29.51 27.66 -13.38
CA GLU B 432 28.48 27.53 -14.39
C GLU B 432 28.27 26.06 -14.79
N ALA B 433 29.33 25.27 -14.83
CA ALA B 433 29.17 23.85 -15.12
C ALA B 433 28.33 23.17 -14.05
N LEU B 434 28.58 23.50 -12.78
CA LEU B 434 27.76 22.95 -11.70
C LEU B 434 26.32 23.43 -11.81
N VAL B 435 26.13 24.68 -12.23
CA VAL B 435 24.78 25.20 -12.46
C VAL B 435 24.05 24.38 -13.51
N ALA B 436 24.75 24.03 -14.59
CA ALA B 436 24.14 23.20 -15.63
C ALA B 436 23.80 21.81 -15.10
N ILE B 437 24.72 21.20 -14.33
CA ILE B 437 24.48 19.87 -13.78
C ILE B 437 23.25 19.88 -12.89
N ALA B 438 23.22 20.79 -11.91
CA ALA B 438 22.11 20.83 -10.96
C ALA B 438 20.79 21.20 -11.64
N THR B 439 20.84 22.14 -12.58
CA THR B 439 19.65 22.48 -13.35
C THR B 439 19.10 21.26 -14.07
N GLN B 440 19.97 20.47 -14.68
CA GLN B 440 19.49 19.30 -15.41
C GLN B 440 18.92 18.25 -14.46
N VAL B 441 19.59 18.01 -13.33
CA VAL B 441 19.09 17.04 -12.36
C VAL B 441 17.71 17.42 -11.86
N ILE B 442 17.55 18.69 -11.48
CA ILE B 442 16.27 19.15 -10.93
C ILE B 442 15.19 19.13 -12.01
N PHE B 443 15.53 19.54 -13.24
CA PHE B 443 14.57 19.49 -14.32
C PHE B 443 14.10 18.08 -14.60
N VAL B 444 15.02 17.11 -14.60
CA VAL B 444 14.66 15.72 -14.83
C VAL B 444 13.73 15.24 -13.72
N SER B 445 14.11 15.50 -12.47
CA SER B 445 13.37 14.94 -11.33
C SER B 445 11.95 15.47 -11.26
N GLY B 446 11.75 16.75 -11.57
CA GLY B 446 10.45 17.36 -11.50
C GLY B 446 9.76 17.42 -12.85
N PRO B 447 10.04 18.48 -13.63
CA PRO B 447 9.32 18.68 -14.90
C PRO B 447 9.35 17.49 -15.86
N GLN B 448 10.51 16.93 -16.17
CA GLN B 448 10.57 15.89 -17.19
C GLN B 448 9.76 14.67 -16.78
N HIS B 449 9.96 14.21 -15.55
CA HIS B 449 9.19 13.07 -15.06
C HIS B 449 7.70 13.39 -15.05
N ALA B 450 7.33 14.62 -14.72
CA ALA B 450 5.92 15.00 -14.84
C ALA B 450 5.44 14.86 -16.28
N ALA B 451 6.26 15.28 -17.25
CA ALA B 451 5.82 15.29 -18.64
C ALA B 451 5.66 13.89 -19.20
N VAL B 452 6.46 12.92 -18.72
CA VAL B 452 6.34 11.56 -19.24
C VAL B 452 5.47 10.67 -18.36
N ASN B 453 5.26 11.02 -17.10
CA ASN B 453 4.57 10.14 -16.15
C ASN B 453 3.06 10.41 -16.13
N TYR B 454 2.65 11.66 -16.01
CA TYR B 454 1.25 11.96 -15.76
C TYR B 454 0.33 11.89 -16.97
N PRO B 455 0.81 11.97 -18.23
CA PRO B 455 -0.08 11.64 -19.34
C PRO B 455 -0.35 10.15 -19.51
N GLN B 456 0.26 9.29 -18.68
CA GLN B 456 0.12 7.85 -18.86
C GLN B 456 -1.32 7.40 -18.74
N TYR B 457 -2.10 8.02 -17.86
CA TYR B 457 -3.50 7.61 -17.70
C TYR B 457 -4.34 8.08 -18.88
N ASP B 458 -4.19 9.35 -19.27
CA ASP B 458 -5.05 9.92 -20.31
C ASP B 458 -4.82 9.26 -21.67
N TYR B 459 -3.61 8.76 -21.93
CA TYR B 459 -3.29 8.21 -23.24
C TYR B 459 -2.99 6.72 -23.25
N MET B 460 -2.79 6.11 -22.08
CA MET B 460 -2.38 4.71 -22.01
C MET B 460 -3.28 3.85 -21.12
N ALA B 461 -4.17 4.45 -20.33
CA ALA B 461 -5.16 3.66 -19.61
C ALA B 461 -6.35 3.30 -20.50
N PHE B 462 -6.59 4.05 -21.56
CA PHE B 462 -7.49 3.62 -22.63
C PHE B 462 -6.68 2.76 -23.58
N ILE B 463 -6.88 1.45 -23.49
CA ILE B 463 -5.95 0.50 -24.13
C ILE B 463 -5.83 0.70 -25.64
N PRO B 464 -6.93 0.85 -26.41
CA PRO B 464 -6.78 0.90 -27.87
C PRO B 464 -5.93 2.06 -28.37
N ASN B 465 -5.81 3.16 -27.62
CA ASN B 465 -5.00 4.27 -28.08
C ASN B 465 -3.51 3.95 -28.04
N MET B 466 -3.06 3.23 -27.01
CA MET B 466 -1.64 2.90 -26.85
C MET B 466 -1.51 1.60 -26.08
N PRO B 467 -1.75 0.46 -26.74
CA PRO B 467 -1.51 -0.82 -26.08
C PRO B 467 -0.02 -1.07 -25.93
N LEU B 468 0.38 -1.56 -24.76
CA LEU B 468 1.81 -1.78 -24.53
C LEU B 468 2.36 -2.99 -25.26
N ALA B 469 1.50 -3.84 -25.82
CA ALA B 469 1.94 -4.89 -26.71
C ALA B 469 0.82 -5.19 -27.70
N THR B 470 1.21 -5.75 -28.85
CA THR B 470 0.26 -6.26 -29.83
C THR B 470 0.34 -7.78 -29.85
N TYR B 471 -0.81 -8.42 -30.12
CA TYR B 471 -0.96 -9.85 -29.92
C TYR B 471 -1.34 -10.60 -31.18
N ALA B 472 -1.15 -9.98 -32.34
CA ALA B 472 -1.35 -10.63 -33.63
C ALA B 472 -0.56 -9.85 -34.68
N THR B 473 -0.26 -10.52 -35.78
CA THR B 473 0.52 -9.91 -36.84
C THR B 473 -0.33 -8.92 -37.64
N PRO B 474 0.29 -7.91 -38.24
CA PRO B 474 -0.44 -7.03 -39.16
C PRO B 474 -1.07 -7.83 -40.28
N PRO B 475 -2.36 -7.64 -40.53
CA PRO B 475 -3.01 -8.40 -41.60
C PRO B 475 -2.48 -8.01 -42.97
N ASN B 476 -2.62 -8.95 -43.92
CA ASN B 476 -2.27 -8.68 -45.30
C ASN B 476 -2.96 -7.41 -45.77
N LYS B 477 -2.25 -6.60 -46.57
CA LYS B 477 -2.76 -5.30 -46.97
C LYS B 477 -4.05 -5.39 -47.79
N GLU B 478 -4.36 -6.55 -48.36
CA GLU B 478 -5.54 -6.72 -49.17
C GLU B 478 -6.65 -7.49 -48.48
N SER B 479 -6.42 -7.96 -47.26
CA SER B 479 -7.42 -8.77 -46.59
C SER B 479 -8.53 -7.89 -46.02
N ASN B 480 -9.68 -8.50 -45.75
CA ASN B 480 -10.78 -7.79 -45.14
C ASN B 480 -10.59 -7.74 -43.63
N ILE B 481 -10.77 -6.55 -43.05
CA ILE B 481 -10.58 -6.33 -41.63
C ILE B 481 -11.93 -6.24 -40.96
N SER B 482 -12.18 -7.10 -39.99
CA SER B 482 -13.39 -7.07 -39.18
C SER B 482 -13.06 -6.53 -37.80
N GLU B 483 -14.10 -6.39 -36.98
CA GLU B 483 -13.89 -6.00 -35.58
C GLU B 483 -13.06 -7.05 -34.85
N ALA B 484 -13.25 -8.33 -35.21
CA ALA B 484 -12.53 -9.41 -34.55
C ALA B 484 -11.04 -9.35 -34.85
N THR B 485 -10.65 -8.89 -36.05
CA THR B 485 -9.25 -8.72 -36.37
C THR B 485 -8.58 -7.75 -35.41
N ILE B 486 -9.17 -6.56 -35.28
CA ILE B 486 -8.63 -5.53 -34.39
C ILE B 486 -8.62 -6.04 -32.95
N LEU B 487 -9.71 -6.67 -32.52
CA LEU B 487 -9.76 -7.20 -31.15
C LEU B 487 -8.70 -8.26 -30.92
N ASN B 488 -8.31 -8.98 -31.98
CA ASN B 488 -7.27 -9.98 -31.86
C ASN B 488 -5.89 -9.34 -31.82
N ILE B 489 -5.74 -8.14 -32.38
CA ILE B 489 -4.47 -7.44 -32.28
C ILE B 489 -4.32 -6.79 -30.90
N LEU B 490 -5.40 -6.23 -30.37
CA LEU B 490 -5.34 -5.53 -29.09
C LEU B 490 -5.17 -6.52 -27.94
N PRO B 491 -4.75 -6.03 -26.76
CA PRO B 491 -4.45 -6.95 -25.67
C PRO B 491 -5.68 -7.71 -25.22
N PRO B 492 -5.51 -8.94 -24.76
CA PRO B 492 -6.64 -9.66 -24.16
C PRO B 492 -7.06 -9.01 -22.85
N GLN B 493 -8.22 -9.46 -22.36
CA GLN B 493 -8.89 -8.77 -21.26
C GLN B 493 -7.99 -8.64 -20.03
N LYS B 494 -7.34 -9.73 -19.63
CA LYS B 494 -6.54 -9.69 -18.39
C LYS B 494 -5.41 -8.67 -18.48
N LEU B 495 -4.73 -8.62 -19.62
CA LEU B 495 -3.59 -7.72 -19.78
C LEU B 495 -4.02 -6.27 -20.00
N ALA B 496 -5.18 -6.05 -20.61
CA ALA B 496 -5.75 -4.70 -20.64
C ALA B 496 -6.05 -4.23 -19.22
N ALA B 497 -6.65 -5.11 -18.41
CA ALA B 497 -6.90 -4.79 -17.01
C ALA B 497 -5.60 -4.45 -16.29
N ARG B 498 -4.55 -5.24 -16.51
CA ARG B 498 -3.27 -4.98 -15.87
C ARG B 498 -2.69 -3.64 -16.29
N GLN B 499 -2.86 -3.27 -17.57
CA GLN B 499 -2.36 -1.98 -18.04
C GLN B 499 -3.10 -0.82 -17.38
N LEU B 500 -4.43 -0.90 -17.34
CA LEU B 500 -5.19 0.14 -16.64
C LEU B 500 -4.76 0.24 -15.17
N GLU B 501 -4.65 -0.92 -14.51
CA GLU B 501 -4.14 -0.99 -13.15
C GLU B 501 -2.85 -0.16 -13.01
N LEU B 502 -1.85 -0.49 -13.84
CA LEU B 502 -0.56 0.19 -13.76
C LEU B 502 -0.72 1.70 -13.94
N MET B 503 -1.33 2.14 -15.05
CA MET B 503 -1.39 3.57 -15.34
C MET B 503 -2.10 4.34 -14.23
N ARG B 504 -3.20 3.77 -13.72
CA ARG B 504 -3.90 4.42 -12.61
C ARG B 504 -2.99 4.55 -11.39
N THR B 505 -2.28 3.48 -11.02
CA THR B 505 -1.39 3.59 -9.87
C THR B 505 -0.31 4.64 -10.11
N LEU B 506 0.16 4.77 -11.34
CA LEU B 506 1.23 5.73 -11.60
C LEU B 506 0.75 7.16 -11.69
N CYS B 507 -0.56 7.39 -11.79
CA CYS B 507 -1.06 8.76 -11.94
C CYS B 507 -2.02 9.21 -10.83
N VAL B 508 -2.16 8.46 -9.73
CA VAL B 508 -3.27 8.74 -8.80
C VAL B 508 -3.10 10.08 -8.10
N PHE B 509 -1.88 10.43 -7.70
CA PHE B 509 -1.69 11.64 -6.90
C PHE B 509 -0.32 12.24 -7.19
N TYR B 510 -0.12 13.44 -6.64
CA TYR B 510 1.15 14.15 -6.71
C TYR B 510 1.83 14.09 -5.35
N PRO B 511 2.90 13.31 -5.20
CA PRO B 511 3.52 13.16 -3.87
C PRO B 511 4.07 14.44 -3.28
N ASN B 512 4.42 15.42 -4.11
CA ASN B 512 4.91 16.71 -3.65
C ASN B 512 4.73 17.71 -4.79
N ARG B 513 5.27 18.91 -4.61
CA ARG B 513 5.03 20.00 -5.55
C ARG B 513 6.34 20.74 -5.81
N LEU B 514 6.54 21.09 -7.09
CA LEU B 514 7.78 21.75 -7.52
C LEU B 514 7.98 23.08 -6.80
N GLY B 515 9.13 23.23 -6.15
CA GLY B 515 9.48 24.45 -5.46
C GLY B 515 8.94 24.60 -4.05
N TYR B 516 8.25 23.57 -3.52
CA TYR B 516 7.67 23.64 -2.18
C TYR B 516 8.17 22.47 -1.35
N PRO B 517 9.37 22.59 -0.79
CA PRO B 517 9.93 21.48 0.00
C PRO B 517 9.24 21.36 1.35
N ASP B 518 9.49 20.22 2.00
CA ASP B 518 8.85 19.96 3.29
C ASP B 518 9.45 20.81 4.41
N THR B 519 10.74 21.11 4.33
CA THR B 519 11.42 21.91 5.34
C THR B 519 12.09 23.10 4.67
N GLU B 520 11.87 24.28 5.23
CA GLU B 520 12.47 25.51 4.70
C GLU B 520 13.99 25.45 4.78
N PHE B 521 14.63 26.22 3.91
CA PHE B 521 16.08 26.38 3.98
C PHE B 521 16.46 27.07 5.29
N VAL B 522 17.56 26.61 5.88
CA VAL B 522 18.08 27.26 7.08
C VAL B 522 18.63 28.64 6.74
N ASP B 523 19.34 28.76 5.63
CA ASP B 523 19.88 30.04 5.19
C ASP B 523 18.75 30.94 4.72
N VAL B 524 18.61 32.10 5.35
CA VAL B 524 17.55 33.05 4.99
C VAL B 524 17.73 33.51 3.55
N ARG B 525 18.98 33.66 3.11
CA ARG B 525 19.24 34.00 1.71
C ARG B 525 18.70 32.91 0.77
N ALA B 526 18.91 31.64 1.13
CA ALA B 526 18.37 30.55 0.36
C ALA B 526 16.85 30.55 0.37
N GLN B 527 16.25 30.90 1.51
CA GLN B 527 14.80 31.08 1.56
C GLN B 527 14.35 32.15 0.56
N GLN B 528 15.13 33.23 0.44
CA GLN B 528 14.78 34.28 -0.51
C GLN B 528 14.86 33.76 -1.94
N VAL B 529 15.94 33.06 -2.29
CA VAL B 529 16.08 32.54 -3.65
C VAL B 529 14.94 31.57 -3.97
N LEU B 530 14.60 30.70 -3.01
CA LEU B 530 13.50 29.77 -3.22
C LEU B 530 12.17 30.50 -3.39
N HIS B 531 11.97 31.57 -2.61
CA HIS B 531 10.75 32.37 -2.74
C HIS B 531 10.64 32.99 -4.13
N GLN B 532 11.78 33.49 -4.64
CA GLN B 532 11.81 34.03 -6.00
C GLN B 532 11.47 32.94 -7.01
N PHE B 533 11.99 31.73 -6.80
CA PHE B 533 11.64 30.61 -7.68
C PHE B 533 10.14 30.34 -7.65
N GLN B 534 9.53 30.41 -6.47
CA GLN B 534 8.09 30.17 -6.37
C GLN B 534 7.29 31.24 -7.10
N GLU B 535 7.71 32.51 -6.97
CA GLU B 535 7.03 33.58 -7.70
C GLU B 535 7.14 33.38 -9.22
N ARG B 536 8.35 33.04 -9.69
CA ARG B 536 8.51 32.77 -11.11
C ARG B 536 7.62 31.61 -11.55
N LEU B 537 7.49 30.57 -10.72
CA LEU B 537 6.58 29.48 -11.04
C LEU B 537 5.14 29.97 -11.15
N GLN B 538 4.76 30.93 -10.30
CA GLN B 538 3.42 31.51 -10.41
C GLN B 538 3.21 32.16 -11.77
N GLU B 539 4.18 33.01 -12.18
CA GLU B 539 4.09 33.65 -13.49
C GLU B 539 3.99 32.60 -14.60
N ILE B 540 4.82 31.56 -14.52
CA ILE B 540 4.80 30.51 -15.54
C ILE B 540 3.43 29.84 -15.60
N GLU B 541 2.83 29.56 -14.44
CA GLU B 541 1.49 29.00 -14.41
C GLU B 541 0.51 29.87 -15.17
N GLN B 542 0.53 31.18 -14.91
CA GLN B 542 -0.38 32.08 -15.63
C GLN B 542 -0.13 32.03 -17.14
N ARG B 543 1.15 32.07 -17.54
CA ARG B 543 1.48 32.05 -18.96
C ARG B 543 0.97 30.77 -19.64
N ILE B 544 1.16 29.62 -18.99
CA ILE B 544 0.72 28.37 -19.58
C ILE B 544 -0.81 28.32 -19.66
N VAL B 545 -1.50 28.86 -18.65
CA VAL B 545 -2.96 28.92 -18.72
C VAL B 545 -3.40 29.73 -19.95
N LEU B 546 -2.77 30.89 -20.15
CA LEU B 546 -3.03 31.69 -21.34
C LEU B 546 -2.83 30.88 -22.63
N CYS B 547 -1.64 30.27 -22.77
CA CYS B 547 -1.36 29.47 -23.96
C CYS B 547 -2.40 28.36 -24.16
N ASN B 548 -2.84 27.76 -23.05
CA ASN B 548 -3.85 26.69 -23.16
C ASN B 548 -5.19 27.24 -23.61
N GLU B 549 -5.49 28.50 -23.29
CA GLU B 549 -6.63 29.15 -23.94
C GLU B 549 -6.41 29.24 -25.44
N LYS B 550 -5.17 29.48 -25.87
CA LYS B 550 -4.94 29.60 -27.31
C LYS B 550 -4.87 28.25 -28.02
N ARG B 551 -4.39 27.20 -27.34
CA ARG B 551 -4.08 25.95 -28.01
C ARG B 551 -5.35 25.22 -28.46
N LEU B 552 -5.17 24.34 -29.44
CA LEU B 552 -6.27 23.50 -29.91
C LEU B 552 -6.82 22.63 -28.78
N GLU B 553 -5.92 22.02 -28.02
CA GLU B 553 -6.24 21.29 -26.80
C GLU B 553 -5.31 21.75 -25.70
N PRO B 554 -5.79 21.86 -24.47
CA PRO B 554 -4.90 22.28 -23.38
C PRO B 554 -3.83 21.25 -23.10
N TYR B 555 -2.62 21.74 -22.80
CA TYR B 555 -1.52 20.90 -22.35
C TYR B 555 -1.26 21.27 -20.89
N THR B 556 -1.67 20.40 -19.98
CA THR B 556 -1.74 20.73 -18.56
C THR B 556 -0.62 20.09 -17.74
N TYR B 557 0.17 19.19 -18.31
CA TYR B 557 1.06 18.35 -17.52
C TYR B 557 2.28 19.08 -17.00
N LEU B 558 2.62 20.25 -17.55
CA LEU B 558 3.75 21.01 -17.06
C LEU B 558 3.37 22.33 -16.42
N LEU B 559 2.09 22.53 -16.12
CA LEU B 559 1.71 23.59 -15.19
C LEU B 559 2.44 23.36 -13.87
N PRO B 560 3.11 24.37 -13.31
CA PRO B 560 3.88 24.15 -12.08
C PRO B 560 3.08 23.50 -10.96
N SER B 561 1.77 23.77 -10.88
CA SER B 561 0.94 23.16 -9.85
C SER B 561 0.76 21.66 -10.07
N ASN B 562 1.03 21.16 -11.28
CA ASN B 562 0.93 19.74 -11.59
C ASN B 562 2.28 19.05 -11.65
N VAL B 563 3.36 19.74 -11.32
CA VAL B 563 4.71 19.21 -11.43
C VAL B 563 5.20 18.88 -10.04
N PRO B 564 5.48 17.62 -9.72
CA PRO B 564 6.07 17.29 -8.42
C PRO B 564 7.46 17.88 -8.26
N ASN B 565 7.90 17.97 -7.01
CA ASN B 565 9.26 18.40 -6.71
C ASN B 565 10.29 17.32 -7.01
N SER B 566 9.88 16.05 -7.05
CA SER B 566 10.81 14.95 -7.22
C SER B 566 10.14 13.83 -7.99
N THR B 567 10.97 12.99 -8.61
CA THR B 567 10.49 11.74 -9.20
C THR B 567 10.11 10.79 -8.07
N SER B 568 8.81 10.61 -7.86
CA SER B 568 8.34 9.96 -6.64
C SER B 568 7.12 9.07 -6.86
N ILE B 569 6.70 8.85 -8.10
CA ILE B 569 5.59 7.98 -8.40
C ILE B 569 5.83 7.31 -9.74
#